data_7XJB
#
_entry.id   7XJB
#
_cell.length_a   166.158
_cell.length_b   166.158
_cell.length_c   125.931
_cell.angle_alpha   90.000
_cell.angle_beta   90.000
_cell.angle_gamma   90.000
#
_symmetry.space_group_name_H-M   'P 43 21 2'
#
loop_
_entity.id
_entity.type
_entity.pdbx_description
1 polymer 'Catechol O-methyltransferase'
2 non-polymer S-ADENOSYLMETHIONINE
3 non-polymer Opicapone
4 non-polymer 'MAGNESIUM ION'
5 non-polymer 'CHLORIDE ION'
6 non-polymer 'SODIUM ION'
7 water water
#
_entity_poly.entity_id   1
_entity_poly.type   'polypeptide(L)'
_entity_poly.pdbx_seq_one_letter_code
;GSMGDTKEQRILRYVQQNAKPGDPQSVLEAIDTYCTQKEWAMNVGDAKGQIMDAVIREYSPSLVLELGAYCGYSAVRMAR
LLQPGARLLTMEMNPDYAAITQQMLNFAGLQDKVTILNGASQDLIPQLKKKYDVDTLDMVFLDHWKDRYLPDTLLLEKCG
LLRKGTVLLADNVIVPGTPDFLAYVRGSSSFECTHYSSYLEYMKVVDGLEKAIYQGPSSPDKS
;
_entity_poly.pdbx_strand_id   A,B,C,D
#
# COMPACT_ATOMS: atom_id res chain seq x y z
N SER A 2 -25.56 -2.82 2.27
CA SER A 2 -24.66 -3.40 1.24
C SER A 2 -25.35 -3.61 -0.10
N MET A 3 -24.58 -3.46 -1.19
CA MET A 3 -25.10 -3.46 -2.56
C MET A 3 -24.43 -4.47 -3.48
N GLY A 4 -23.58 -5.33 -2.96
CA GLY A 4 -22.90 -6.33 -3.77
C GLY A 4 -21.80 -6.99 -2.96
N ASP A 5 -20.93 -7.69 -3.67
CA ASP A 5 -19.79 -8.33 -3.03
C ASP A 5 -18.66 -7.33 -2.80
N THR A 6 -18.11 -7.33 -1.58
CA THR A 6 -17.02 -6.46 -1.19
C THR A 6 -15.86 -7.29 -0.66
N LYS A 7 -14.70 -6.63 -0.54
CA LYS A 7 -13.58 -7.27 0.14
C LYS A 7 -13.95 -7.71 1.55
N GLU A 8 -14.72 -6.88 2.27
CA GLU A 8 -15.01 -7.22 3.66
C GLU A 8 -15.95 -8.39 3.76
N GLN A 9 -16.87 -8.51 2.81
CA GLN A 9 -17.74 -9.65 2.79
C GLN A 9 -16.99 -10.92 2.44
N ARG A 10 -15.99 -10.82 1.57
CA ARG A 10 -15.19 -11.98 1.20
C ARG A 10 -14.33 -12.45 2.37
N ILE A 11 -13.78 -11.50 3.14
CA ILE A 11 -13.06 -11.87 4.35
C ILE A 11 -13.99 -12.64 5.30
N LEU A 12 -15.18 -12.10 5.57
CA LEU A 12 -16.13 -12.78 6.45
C LEU A 12 -16.52 -14.15 5.91
N ARG A 13 -16.77 -14.26 4.60
CA ARG A 13 -17.11 -15.57 4.07
C ARG A 13 -15.96 -16.54 4.23
N TYR A 14 -14.72 -16.04 4.09
CA TYR A 14 -13.56 -16.93 4.24
C TYR A 14 -13.47 -17.45 5.68
N VAL A 15 -13.69 -16.58 6.66
CA VAL A 15 -13.73 -17.01 8.05
C VAL A 15 -14.80 -18.09 8.24
N GLN A 16 -16.00 -17.80 7.75
CA GLN A 16 -17.12 -18.71 7.99
C GLN A 16 -16.91 -20.06 7.32
N GLN A 17 -16.09 -20.11 6.27
CA GLN A 17 -15.84 -21.35 5.56
C GLN A 17 -14.57 -22.06 6.03
N ASN A 18 -13.75 -21.44 6.87
CA ASN A 18 -12.48 -22.07 7.20
C ASN A 18 -12.18 -22.12 8.69
N ALA A 19 -12.65 -21.14 9.45
CA ALA A 19 -12.35 -21.06 10.87
C ALA A 19 -13.36 -21.90 11.68
N LYS A 20 -13.00 -22.14 12.94
CA LYS A 20 -13.84 -22.88 13.88
C LYS A 20 -14.66 -21.92 14.72
N PRO A 21 -15.98 -22.01 14.76
CA PRO A 21 -16.75 -21.11 15.63
C PRO A 21 -16.30 -21.26 17.08
N GLY A 22 -16.17 -20.12 17.76
CA GLY A 22 -15.79 -20.14 19.17
C GLY A 22 -14.31 -20.29 19.42
N ASP A 23 -13.50 -20.27 18.36
CA ASP A 23 -12.03 -20.40 18.43
C ASP A 23 -11.45 -19.11 17.87
N PRO A 24 -11.23 -18.10 18.71
CA PRO A 24 -10.74 -16.82 18.16
C PRO A 24 -9.47 -16.98 17.37
N GLN A 25 -8.56 -17.84 17.81
CA GLN A 25 -7.29 -18.00 17.10
C GLN A 25 -7.54 -18.42 15.66
N SER A 26 -8.47 -19.35 15.42
CA SER A 26 -8.69 -19.78 14.05
C SER A 26 -9.35 -18.67 13.23
N VAL A 27 -10.12 -17.79 13.86
CA VAL A 27 -10.67 -16.64 13.14
C VAL A 27 -9.53 -15.72 12.72
N LEU A 28 -8.57 -15.47 13.61
CA LEU A 28 -7.50 -14.57 13.24
C LEU A 28 -6.63 -15.17 12.15
N GLU A 29 -6.35 -16.48 12.25
CA GLU A 29 -5.53 -17.14 11.25
C GLU A 29 -6.21 -17.11 9.89
N ALA A 30 -7.53 -17.32 9.88
CA ALA A 30 -8.26 -17.30 8.62
C ALA A 30 -8.18 -15.93 7.96
N ILE A 31 -8.48 -14.86 8.73
CA ILE A 31 -8.39 -13.52 8.18
C ILE A 31 -6.97 -13.22 7.68
N ASP A 32 -5.96 -13.57 8.48
CA ASP A 32 -4.59 -13.28 8.06
C ASP A 32 -4.21 -14.10 6.83
N THR A 33 -4.62 -15.35 6.77
CA THR A 33 -4.33 -16.16 5.59
C THR A 33 -4.98 -15.55 4.35
N TYR A 34 -6.26 -15.18 4.44
CA TYR A 34 -6.95 -14.64 3.26
C TYR A 34 -6.32 -13.33 2.80
N CYS A 35 -5.90 -12.48 3.75
CA CYS A 35 -5.38 -11.19 3.37
C CYS A 35 -3.91 -11.22 3.04
N THR A 36 -3.21 -12.28 3.41
CA THR A 36 -1.88 -12.52 2.86
C THR A 36 -1.96 -13.07 1.46
N GLN A 37 -2.82 -14.08 1.25
CA GLN A 37 -2.80 -14.78 -0.02
C GLN A 37 -3.60 -14.07 -1.11
N LYS A 38 -4.63 -13.31 -0.75
CA LYS A 38 -5.60 -12.93 -1.78
C LYS A 38 -5.86 -11.43 -1.88
N GLU A 39 -6.17 -10.76 -0.77
CA GLU A 39 -6.57 -9.35 -0.78
C GLU A 39 -5.98 -8.66 0.43
N TRP A 40 -5.08 -7.71 0.21
CA TRP A 40 -4.60 -6.88 1.29
C TRP A 40 -5.77 -6.19 1.99
N ALA A 41 -5.67 -6.02 3.31
CA ALA A 41 -6.70 -5.26 4.03
C ALA A 41 -6.10 -4.61 5.27
N MET A 42 -6.76 -3.56 5.73
CA MET A 42 -6.22 -2.78 6.84
C MET A 42 -6.50 -3.37 8.23
N ASN A 43 -6.50 -4.69 8.36
CA ASN A 43 -6.46 -5.25 9.71
C ASN A 43 -5.10 -5.00 10.33
N VAL A 44 -5.05 -4.99 11.66
CA VAL A 44 -3.78 -4.70 12.30
C VAL A 44 -2.78 -5.81 12.00
N GLY A 45 -3.25 -7.04 11.77
CA GLY A 45 -2.42 -8.12 11.26
C GLY A 45 -1.70 -8.88 12.36
N ASP A 46 -1.00 -9.95 11.96
CA ASP A 46 -0.42 -10.84 12.95
C ASP A 46 0.83 -10.25 13.63
N ALA A 47 1.74 -9.63 12.88
CA ALA A 47 2.94 -9.11 13.53
C ALA A 47 2.59 -8.01 14.54
N LYS A 48 1.80 -7.02 14.09
CA LYS A 48 1.43 -5.97 15.04
C LYS A 48 0.47 -6.51 16.07
N GLY A 49 -0.30 -7.55 15.72
CA GLY A 49 -1.21 -8.15 16.69
C GLY A 49 -0.50 -8.73 17.89
N GLN A 50 0.71 -9.25 17.68
CA GLN A 50 1.42 -9.85 18.79
C GLN A 50 1.91 -8.79 19.77
N ILE A 51 2.22 -7.59 19.28
CA ILE A 51 2.50 -6.50 20.20
C ILE A 51 1.24 -6.15 20.97
N MET A 52 0.12 -6.06 20.24
CA MET A 52 -1.17 -5.86 20.88
C MET A 52 -1.43 -6.93 21.93
N ASP A 53 -1.16 -8.20 21.60
CA ASP A 53 -1.34 -9.27 22.58
C ASP A 53 -0.54 -9.02 23.85
N ALA A 54 0.73 -8.60 23.68
CA ALA A 54 1.58 -8.40 24.83
C ALA A 54 1.07 -7.24 25.70
N VAL A 55 0.56 -6.19 25.07
CA VAL A 55 0.00 -5.06 25.83
C VAL A 55 -1.20 -5.52 26.65
N ILE A 56 -2.13 -6.23 26.03
CA ILE A 56 -3.31 -6.73 26.74
C ILE A 56 -2.90 -7.61 27.92
N ARG A 57 -1.97 -8.55 27.71
CA ARG A 57 -1.59 -9.43 28.82
C ARG A 57 -0.88 -8.67 29.93
N GLU A 58 -0.14 -7.60 29.58
CA GLU A 58 0.59 -6.89 30.62
C GLU A 58 -0.36 -6.08 31.50
N TYR A 59 -1.30 -5.35 30.90
CA TYR A 59 -2.11 -4.38 31.64
C TYR A 59 -3.45 -4.93 32.11
N SER A 60 -3.82 -6.15 31.73
CA SER A 60 -5.14 -6.74 31.91
C SER A 60 -6.25 -5.70 32.04
N PRO A 61 -6.57 -4.97 30.97
CA PRO A 61 -7.55 -3.89 31.11
C PRO A 61 -8.94 -4.46 31.34
N SER A 62 -9.73 -3.77 32.17
CA SER A 62 -11.09 -4.23 32.39
C SER A 62 -12.08 -3.63 31.42
N LEU A 63 -11.72 -2.51 30.79
CA LEU A 63 -12.59 -1.84 29.85
C LEU A 63 -11.72 -1.25 28.76
N VAL A 64 -11.90 -1.71 27.54
CA VAL A 64 -11.08 -1.28 26.41
C VAL A 64 -11.98 -0.57 25.42
N LEU A 65 -11.50 0.54 24.91
CA LEU A 65 -12.16 1.26 23.83
C LEU A 65 -11.31 1.15 22.58
N GLU A 66 -11.92 0.71 21.48
CA GLU A 66 -11.29 0.59 20.18
C GLU A 66 -11.91 1.61 19.23
N LEU A 67 -11.07 2.36 18.53
CA LEU A 67 -11.51 3.34 17.54
C LEU A 67 -11.22 2.77 16.15
N GLY A 68 -12.27 2.32 15.47
CA GLY A 68 -12.10 1.67 14.17
C GLY A 68 -12.21 0.16 14.28
N ALA A 69 -13.38 -0.40 13.92
CA ALA A 69 -13.58 -1.84 14.05
C ALA A 69 -13.27 -2.57 12.74
N TYR A 70 -13.63 -1.95 11.63
CA TYR A 70 -13.48 -2.55 10.30
C TYR A 70 -14.21 -3.90 10.25
N CYS A 71 -13.48 -5.00 10.13
CA CYS A 71 -14.09 -6.33 10.05
C CYS A 71 -14.08 -7.07 11.37
N GLY A 72 -13.53 -6.47 12.42
CA GLY A 72 -13.49 -7.10 13.71
C GLY A 72 -12.23 -7.85 14.04
N TYR A 73 -11.19 -7.76 13.21
CA TYR A 73 -10.00 -8.54 13.49
C TYR A 73 -9.37 -8.14 14.83
N SER A 74 -9.12 -6.85 15.04
CA SER A 74 -8.46 -6.45 16.28
C SER A 74 -9.39 -6.56 17.47
N ALA A 75 -10.70 -6.42 17.25
CA ALA A 75 -11.63 -6.67 18.34
C ALA A 75 -11.54 -8.11 18.79
N VAL A 76 -11.58 -9.04 17.84
CA VAL A 76 -11.41 -10.46 18.18
C VAL A 76 -10.07 -10.66 18.83
N ARG A 77 -9.05 -9.99 18.30
CA ARG A 77 -7.69 -10.19 18.79
C ARG A 77 -7.53 -9.72 20.23
N MET A 78 -8.09 -8.56 20.59
CA MET A 78 -8.00 -8.13 21.98
C MET A 78 -8.96 -8.90 22.88
N ALA A 79 -10.20 -9.09 22.44
CA ALA A 79 -11.22 -9.64 23.34
C ALA A 79 -10.90 -11.06 23.78
N ARG A 80 -10.24 -11.84 22.93
CA ARG A 80 -9.90 -13.21 23.29
C ARG A 80 -8.92 -13.28 24.47
N LEU A 81 -8.25 -12.19 24.81
CA LEU A 81 -7.26 -12.18 25.88
C LEU A 81 -7.75 -11.44 27.11
N LEU A 82 -8.93 -10.84 27.03
CA LEU A 82 -9.48 -10.13 28.17
C LEU A 82 -9.80 -11.12 29.30
N GLN A 83 -9.70 -10.64 30.54
CA GLN A 83 -10.04 -11.45 31.69
C GLN A 83 -11.56 -11.58 31.79
N PRO A 84 -12.06 -12.59 32.48
CA PRO A 84 -13.53 -12.73 32.62
C PRO A 84 -14.12 -11.48 33.25
N GLY A 85 -15.20 -10.98 32.65
CA GLY A 85 -15.81 -9.75 33.10
C GLY A 85 -15.30 -8.50 32.42
N ALA A 86 -14.12 -8.57 31.82
CA ALA A 86 -13.60 -7.41 31.11
C ALA A 86 -14.38 -7.23 29.81
N ARG A 87 -14.41 -5.99 29.31
CA ARG A 87 -15.29 -5.64 28.20
C ARG A 87 -14.53 -4.76 27.23
N LEU A 88 -14.90 -4.89 25.95
CA LEU A 88 -14.37 -4.05 24.89
C LEU A 88 -15.50 -3.31 24.21
N LEU A 89 -15.34 -1.99 24.09
CA LEU A 89 -16.21 -1.15 23.26
C LEU A 89 -15.45 -0.79 21.98
N THR A 90 -16.05 -1.04 20.84
CA THR A 90 -15.41 -0.66 19.59
C THR A 90 -16.34 0.23 18.80
N MET A 91 -15.81 1.37 18.35
CA MET A 91 -16.55 2.39 17.61
C MET A 91 -16.30 2.24 16.12
N GLU A 92 -17.38 2.24 15.34
CA GLU A 92 -17.31 2.05 13.89
C GLU A 92 -18.40 2.89 13.23
N MET A 93 -18.01 3.78 12.34
CA MET A 93 -18.98 4.66 11.69
C MET A 93 -19.57 4.06 10.42
N ASN A 94 -18.96 3.01 9.89
CA ASN A 94 -19.44 2.41 8.66
C ASN A 94 -20.42 1.30 9.03
N PRO A 95 -21.71 1.47 8.75
CA PRO A 95 -22.68 0.44 9.15
C PRO A 95 -22.45 -0.87 8.46
N ASP A 96 -21.95 -0.84 7.23
CA ASP A 96 -21.66 -2.11 6.57
C ASP A 96 -20.53 -2.83 7.29
N TYR A 97 -19.49 -2.08 7.71
CA TYR A 97 -18.43 -2.70 8.49
C TYR A 97 -18.93 -3.20 9.84
N ALA A 98 -19.79 -2.41 10.49
CA ALA A 98 -20.29 -2.81 11.81
C ALA A 98 -21.04 -4.13 11.71
N ALA A 99 -21.84 -4.30 10.65
CA ALA A 99 -22.56 -5.55 10.48
C ALA A 99 -21.58 -6.72 10.29
N ILE A 100 -20.51 -6.52 9.51
CA ILE A 100 -19.49 -7.57 9.38
C ILE A 100 -18.87 -7.85 10.74
N THR A 101 -18.50 -6.79 11.48
CA THR A 101 -17.85 -6.98 12.76
C THR A 101 -18.73 -7.80 13.70
N GLN A 102 -20.04 -7.54 13.73
CA GLN A 102 -20.92 -8.32 14.61
C GLN A 102 -20.87 -9.80 14.25
N GLN A 103 -20.85 -10.11 12.93
CA GLN A 103 -20.80 -11.49 12.48
C GLN A 103 -19.47 -12.13 12.87
N MET A 104 -18.38 -11.38 12.78
CA MET A 104 -17.09 -11.87 13.22
C MET A 104 -17.09 -12.15 14.72
N LEU A 105 -17.66 -11.23 15.52
CA LEU A 105 -17.70 -11.47 16.96
C LEU A 105 -18.54 -12.70 17.28
N ASN A 106 -19.70 -12.84 16.64
CA ASN A 106 -20.52 -14.03 16.87
C ASN A 106 -19.72 -15.28 16.54
N PHE A 107 -19.07 -15.29 15.37
CA PHE A 107 -18.34 -16.47 14.96
C PHE A 107 -17.22 -16.80 15.95
N ALA A 108 -16.45 -15.77 16.35
CA ALA A 108 -15.36 -16.00 17.30
C ALA A 108 -15.86 -16.34 18.70
N GLY A 109 -17.15 -16.13 18.97
CA GLY A 109 -17.67 -16.36 20.32
C GLY A 109 -17.38 -15.26 21.30
N LEU A 110 -17.08 -14.06 20.81
CA LEU A 110 -16.76 -12.95 21.69
C LEU A 110 -17.87 -11.91 21.73
N GLN A 111 -19.05 -12.23 21.19
CA GLN A 111 -20.13 -11.25 21.14
C GLN A 111 -20.56 -10.78 22.52
N ASP A 112 -20.37 -11.62 23.54
CA ASP A 112 -20.77 -11.20 24.90
C ASP A 112 -19.73 -10.33 25.58
N LYS A 113 -18.53 -10.16 25.01
CA LYS A 113 -17.48 -9.37 25.62
C LYS A 113 -17.24 -8.05 24.91
N VAL A 114 -17.82 -7.87 23.71
CA VAL A 114 -17.56 -6.72 22.87
C VAL A 114 -18.90 -6.11 22.49
N THR A 115 -18.96 -4.78 22.51
CA THR A 115 -20.14 -4.05 22.08
C THR A 115 -19.74 -3.07 20.98
N ILE A 116 -20.43 -3.17 19.84
CA ILE A 116 -20.21 -2.21 18.75
C ILE A 116 -20.99 -0.94 19.03
N LEU A 117 -20.30 0.19 19.03
CA LEU A 117 -20.97 1.48 19.10
C LEU A 117 -21.00 2.04 17.69
N ASN A 118 -22.20 2.28 17.16
CA ASN A 118 -22.38 2.71 15.79
C ASN A 118 -22.31 4.23 15.73
N GLY A 119 -21.27 4.75 15.08
CA GLY A 119 -21.13 6.18 14.94
C GLY A 119 -19.66 6.57 14.88
N ALA A 120 -19.45 7.87 14.77
CA ALA A 120 -18.11 8.43 14.65
C ALA A 120 -17.55 8.76 16.03
N SER A 121 -16.28 8.45 16.21
CA SER A 121 -15.61 8.64 17.50
C SER A 121 -15.76 10.08 18.01
N GLN A 122 -15.64 11.07 17.12
CA GLN A 122 -15.74 12.46 17.56
C GLN A 122 -17.14 12.79 18.07
N ASP A 123 -18.16 12.02 17.67
CA ASP A 123 -19.47 12.23 18.25
C ASP A 123 -19.71 11.37 19.50
N LEU A 124 -19.16 10.15 19.54
CA LEU A 124 -19.47 9.19 20.59
C LEU A 124 -18.60 9.40 21.83
N ILE A 125 -17.32 9.72 21.65
CA ILE A 125 -16.43 9.88 22.80
C ILE A 125 -16.99 10.88 23.83
N PRO A 126 -17.48 12.07 23.44
CA PRO A 126 -18.03 12.98 24.47
C PRO A 126 -19.31 12.48 25.11
N GLN A 127 -19.91 11.42 24.57
CA GLN A 127 -21.13 10.89 25.12
C GLN A 127 -20.91 9.61 25.91
N LEU A 128 -19.66 9.13 26.01
CA LEU A 128 -19.42 7.85 26.66
C LEU A 128 -19.84 7.86 28.12
N LYS A 129 -19.56 8.94 28.86
CA LYS A 129 -19.84 8.94 30.29
C LYS A 129 -21.34 8.91 30.55
N LYS A 130 -22.11 9.72 29.84
CA LYS A 130 -23.52 9.84 30.18
C LYS A 130 -24.44 8.97 29.33
N LYS A 131 -24.07 8.61 28.11
CA LYS A 131 -24.92 7.72 27.31
C LYS A 131 -24.52 6.24 27.41
N TYR A 132 -23.24 5.91 27.63
CA TYR A 132 -22.82 4.52 27.70
C TYR A 132 -22.30 4.11 29.07
N ASP A 133 -22.44 4.98 30.08
CA ASP A 133 -22.20 4.66 31.49
C ASP A 133 -20.74 4.34 31.79
N VAL A 134 -19.83 4.84 30.95
CA VAL A 134 -18.40 4.65 31.15
C VAL A 134 -17.93 5.60 32.23
N ASP A 135 -17.13 5.08 33.18
CA ASP A 135 -16.40 5.92 34.11
C ASP A 135 -15.06 6.29 33.48
N THR A 136 -14.08 5.41 33.56
CA THR A 136 -12.82 5.62 32.86
C THR A 136 -12.49 4.38 32.06
N LEU A 137 -11.70 4.60 31.01
CA LEU A 137 -11.19 3.54 30.16
C LEU A 137 -9.85 3.06 30.68
N ASP A 138 -9.59 1.76 30.53
CA ASP A 138 -8.32 1.20 30.94
C ASP A 138 -7.31 1.13 29.80
N MET A 139 -7.80 1.09 28.56
CA MET A 139 -6.94 0.99 27.40
C MET A 139 -7.72 1.51 26.21
N VAL A 140 -7.02 2.14 25.29
CA VAL A 140 -7.60 2.65 24.07
C VAL A 140 -6.72 2.20 22.92
N PHE A 141 -7.33 1.61 21.90
CA PHE A 141 -6.61 1.27 20.68
C PHE A 141 -7.07 2.21 19.59
N LEU A 142 -6.15 3.04 19.11
CA LEU A 142 -6.43 4.00 18.05
C LEU A 142 -6.01 3.37 16.73
N ASP A 143 -6.97 3.23 15.83
CA ASP A 143 -6.72 2.61 14.53
C ASP A 143 -7.81 3.06 13.56
N HIS A 144 -8.26 4.32 13.66
CA HIS A 144 -9.25 4.79 12.71
C HIS A 144 -8.57 5.72 11.70
N TRP A 145 -9.26 6.70 11.11
CA TRP A 145 -8.56 7.55 10.16
C TRP A 145 -7.47 8.34 10.90
N LYS A 146 -6.31 8.44 10.27
CA LYS A 146 -5.12 8.93 10.96
C LYS A 146 -5.22 10.41 11.36
N ASP A 147 -5.99 11.21 10.64
CA ASP A 147 -6.13 12.59 11.09
C ASP A 147 -7.01 12.71 12.34
N ARG A 148 -7.57 11.63 12.88
CA ARG A 148 -8.38 11.74 14.09
C ARG A 148 -7.63 11.36 15.36
N TYR A 149 -6.42 10.78 15.25
CA TYR A 149 -5.69 10.34 16.45
C TYR A 149 -5.50 11.48 17.43
N LEU A 150 -4.98 12.61 16.97
CA LEU A 150 -4.69 13.69 17.91
C LEU A 150 -5.96 14.31 18.47
N PRO A 151 -6.92 14.78 17.67
CA PRO A 151 -8.11 15.39 18.29
C PRO A 151 -8.90 14.42 19.16
N ASP A 152 -8.94 13.12 18.81
CA ASP A 152 -9.66 12.18 19.67
C ASP A 152 -8.90 11.89 20.96
N THR A 153 -7.57 11.83 20.89
CA THR A 153 -6.78 11.72 22.11
C THR A 153 -7.06 12.90 23.01
N LEU A 154 -7.06 14.10 22.42
CA LEU A 154 -7.39 15.29 23.21
C LEU A 154 -8.79 15.18 23.79
N LEU A 155 -9.71 14.64 23.00
CA LEU A 155 -11.08 14.46 23.44
C LEU A 155 -11.17 13.47 24.58
N LEU A 156 -10.43 12.36 24.49
CA LEU A 156 -10.38 11.41 25.60
C LEU A 156 -9.89 12.09 26.87
N GLU A 157 -8.88 12.96 26.74
CA GLU A 157 -8.39 13.70 27.90
C GLU A 157 -9.43 14.71 28.38
N LYS A 158 -10.02 15.48 27.46
CA LYS A 158 -10.90 16.57 27.90
C LYS A 158 -12.18 16.02 28.54
N CYS A 159 -12.58 14.82 28.17
CA CYS A 159 -13.82 14.25 28.66
C CYS A 159 -13.62 13.48 29.95
N GLY A 160 -12.39 13.45 30.49
CA GLY A 160 -12.12 12.76 31.74
C GLY A 160 -12.23 11.25 31.63
N LEU A 161 -12.01 10.68 30.45
CA LEU A 161 -12.14 9.25 30.24
C LEU A 161 -10.84 8.48 30.51
N LEU A 162 -9.72 9.18 30.74
CA LEU A 162 -8.45 8.53 31.04
C LEU A 162 -8.15 8.68 32.53
N ARG A 163 -7.48 7.67 33.09
CA ARG A 163 -6.99 7.75 34.45
C ARG A 163 -5.51 7.41 34.45
N LYS A 164 -4.87 7.61 35.59
CA LYS A 164 -3.44 7.32 35.65
C LYS A 164 -3.21 5.83 35.38
N GLY A 165 -2.39 5.53 34.37
CA GLY A 165 -2.12 4.18 33.95
C GLY A 165 -2.94 3.69 32.78
N THR A 166 -3.88 4.49 32.28
CA THR A 166 -4.60 4.09 31.08
C THR A 166 -3.65 3.96 29.90
N VAL A 167 -3.80 2.90 29.11
CA VAL A 167 -2.89 2.61 28.01
C VAL A 167 -3.50 3.10 26.70
N LEU A 168 -2.81 4.00 26.01
CA LEU A 168 -3.12 4.29 24.62
C LEU A 168 -2.16 3.50 23.74
N LEU A 169 -2.71 2.73 22.81
CA LEU A 169 -1.92 1.97 21.85
C LEU A 169 -2.38 2.41 20.47
N ALA A 170 -1.48 2.97 19.69
CA ALA A 170 -1.86 3.57 18.41
C ALA A 170 -1.18 2.81 17.28
N ASP A 171 -1.98 2.33 16.34
CA ASP A 171 -1.46 1.69 15.15
C ASP A 171 -0.99 2.74 14.15
N ASN A 172 -0.08 2.31 13.25
CA ASN A 172 0.24 3.05 12.04
C ASN A 172 0.99 4.34 12.29
N VAL A 173 1.73 4.46 13.40
CA VAL A 173 2.34 5.75 13.69
C VAL A 173 3.49 6.07 12.74
N ILE A 174 4.01 5.09 12.02
CA ILE A 174 5.01 5.34 10.96
C ILE A 174 4.37 5.33 9.56
N VAL A 175 3.60 4.29 9.25
CA VAL A 175 2.94 4.14 7.96
C VAL A 175 1.49 3.80 8.24
N PRO A 176 0.51 4.57 7.73
CA PRO A 176 0.62 5.81 6.96
C PRO A 176 1.31 6.97 7.71
N GLY A 177 1.37 6.88 9.03
CA GLY A 177 2.12 7.84 9.84
C GLY A 177 1.15 8.76 10.57
N THR A 178 1.47 9.03 11.83
CA THR A 178 0.71 9.97 12.66
C THR A 178 1.66 10.94 13.34
N PRO A 179 2.38 11.77 12.56
CA PRO A 179 3.44 12.61 13.15
C PRO A 179 2.90 13.59 14.18
N ASP A 180 1.69 14.11 13.98
CA ASP A 180 1.15 15.04 14.96
C ASP A 180 0.77 14.33 16.25
N PHE A 181 0.18 13.13 16.16
CA PHE A 181 -0.11 12.37 17.37
C PHE A 181 1.18 12.05 18.12
N LEU A 182 2.19 11.58 17.40
CA LEU A 182 3.48 11.25 18.02
C LEU A 182 4.09 12.44 18.73
N ALA A 183 4.14 13.59 18.05
CA ALA A 183 4.77 14.75 18.67
C ALA A 183 4.01 15.17 19.92
N TYR A 184 2.68 15.03 19.90
CA TYR A 184 1.92 15.41 21.09
C TYR A 184 2.24 14.49 22.26
N VAL A 185 2.07 13.17 22.08
CA VAL A 185 2.20 12.25 23.22
C VAL A 185 3.65 12.15 23.67
N ARG A 186 4.59 12.18 22.72
CA ARG A 186 6.00 12.10 23.08
C ARG A 186 6.50 13.36 23.77
N GLY A 187 5.80 14.49 23.58
CA GLY A 187 6.28 15.75 24.13
C GLY A 187 5.53 16.18 25.38
N SER A 188 4.47 15.45 25.73
CA SER A 188 3.68 15.79 26.90
C SER A 188 4.11 14.96 28.09
N SER A 189 4.33 15.61 29.23
CA SER A 189 4.60 14.88 30.47
C SER A 189 3.38 14.14 31.02
N SER A 190 2.21 14.24 30.38
CA SER A 190 1.07 13.42 30.76
C SER A 190 1.09 12.05 30.08
N PHE A 191 2.15 11.73 29.32
CA PHE A 191 2.26 10.42 28.73
C PHE A 191 3.69 9.90 28.87
N GLU A 192 3.79 8.60 29.13
CA GLU A 192 5.04 7.86 29.04
C GLU A 192 4.93 6.99 27.80
N CYS A 193 5.88 7.14 26.88
CA CYS A 193 5.73 6.56 25.56
C CYS A 193 6.73 5.44 25.32
N THR A 194 6.30 4.51 24.47
CA THR A 194 7.16 3.42 24.04
C THR A 194 6.81 3.20 22.58
N HIS A 195 7.83 3.10 21.74
CA HIS A 195 7.61 2.81 20.33
C HIS A 195 7.92 1.35 20.05
N TYR A 196 7.02 0.67 19.36
CA TYR A 196 7.18 -0.75 19.04
C TYR A 196 7.43 -0.91 17.55
N SER A 197 8.66 -1.33 17.20
CA SER A 197 8.98 -1.57 15.80
C SER A 197 8.18 -2.76 15.27
N SER A 198 7.60 -2.62 14.08
CA SER A 198 6.93 -3.78 13.49
C SER A 198 6.87 -3.62 11.97
N TYR A 199 5.88 -4.24 11.34
CA TYR A 199 5.70 -4.19 9.89
C TYR A 199 4.25 -3.88 9.58
N LEU A 200 4.03 -3.11 8.51
CA LEU A 200 2.69 -2.91 7.98
C LEU A 200 2.06 -4.27 7.71
N GLU A 201 0.77 -4.40 8.06
CA GLU A 201 0.06 -5.66 7.94
C GLU A 201 0.26 -6.25 6.54
N TYR A 202 0.64 -7.53 6.50
CA TYR A 202 0.73 -8.32 5.29
C TYR A 202 1.82 -7.83 4.35
N MET A 203 2.76 -7.01 4.83
CA MET A 203 3.78 -6.42 3.98
C MET A 203 5.11 -6.37 4.74
N LYS A 204 6.19 -6.04 4.04
CA LYS A 204 7.47 -5.84 4.73
C LYS A 204 7.89 -4.38 4.68
N VAL A 205 6.91 -3.49 4.65
CA VAL A 205 7.14 -2.09 4.96
C VAL A 205 7.19 -1.94 6.47
N VAL A 206 8.22 -1.27 6.99
CA VAL A 206 8.32 -1.06 8.43
C VAL A 206 7.20 -0.14 8.89
N ASP A 207 6.55 -0.52 9.99
CA ASP A 207 5.59 0.33 10.67
C ASP A 207 5.86 0.24 12.17
N GLY A 208 5.01 0.88 12.97
CA GLY A 208 5.20 0.85 14.40
C GLY A 208 3.92 1.18 15.13
N LEU A 209 3.87 0.74 16.38
CA LEU A 209 2.84 1.16 17.30
C LEU A 209 3.46 2.04 18.36
N GLU A 210 2.69 3.01 18.84
CA GLU A 210 3.08 3.80 20.00
C GLU A 210 2.20 3.38 21.16
N LYS A 211 2.84 2.98 22.24
CA LYS A 211 2.16 2.84 23.53
C LYS A 211 2.37 4.13 24.31
N ALA A 212 1.28 4.77 24.67
CA ALA A 212 1.34 6.01 25.46
C ALA A 212 0.50 5.79 26.70
N ILE A 213 1.14 5.76 27.85
CA ILE A 213 0.48 5.53 29.12
C ILE A 213 0.18 6.87 29.77
N TYR A 214 -1.12 7.14 29.95
CA TYR A 214 -1.53 8.39 30.56
C TYR A 214 -1.07 8.45 32.00
N GLN A 215 -0.62 9.63 32.43
CA GLN A 215 -0.03 9.80 33.75
C GLN A 215 -0.89 10.60 34.71
N GLY A 216 -2.12 10.95 34.30
CA GLY A 216 -2.98 11.82 35.08
C GLY A 216 -2.85 13.24 34.61
N PRO A 217 -3.86 14.07 34.91
CA PRO A 217 -3.85 15.48 34.48
C PRO A 217 -2.69 16.26 35.08
N SER A 218 -2.36 17.38 34.41
CA SER A 218 -1.24 18.25 34.81
C SER A 218 -1.54 19.07 36.09
N SER B 2 1.63 21.58 10.73
CA SER B 2 1.23 22.55 11.78
C SER B 2 2.03 22.33 13.05
N MET B 3 2.56 21.12 13.24
CA MET B 3 3.15 20.71 14.51
C MET B 3 4.56 20.14 14.40
N GLY B 4 5.18 20.21 13.23
CA GLY B 4 6.46 19.59 12.98
C GLY B 4 6.52 19.16 11.53
N ASP B 5 7.60 18.45 11.19
CA ASP B 5 7.77 18.02 9.82
C ASP B 5 6.79 16.90 9.47
N THR B 6 6.35 16.85 8.21
CA THR B 6 5.44 15.82 7.77
C THR B 6 5.77 15.49 6.32
N LYS B 7 5.28 14.34 5.86
CA LYS B 7 5.48 13.98 4.47
C LYS B 7 5.03 15.11 3.54
N GLU B 8 3.90 15.75 3.85
CA GLU B 8 3.35 16.74 2.93
C GLU B 8 4.19 17.99 2.91
N GLN B 9 4.81 18.32 4.03
CA GLN B 9 5.64 19.49 4.07
C GLN B 9 6.92 19.20 3.27
N ARG B 10 7.36 17.95 3.29
CA ARG B 10 8.54 17.54 2.55
C ARG B 10 8.28 17.50 1.05
N ILE B 11 7.10 17.04 0.65
CA ILE B 11 6.71 17.14 -0.76
C ILE B 11 6.68 18.60 -1.20
N LEU B 12 6.10 19.48 -0.37
CA LEU B 12 6.06 20.90 -0.73
C LEU B 12 7.46 21.48 -0.83
N ARG B 13 8.32 21.18 0.14
CA ARG B 13 9.68 21.72 0.09
C ARG B 13 10.40 21.19 -1.13
N TYR B 14 10.13 19.93 -1.50
CA TYR B 14 10.81 19.37 -2.64
C TYR B 14 10.43 20.12 -3.91
N VAL B 15 9.13 20.41 -4.08
CA VAL B 15 8.69 21.24 -5.20
C VAL B 15 9.38 22.59 -5.15
N GLN B 16 9.36 23.23 -3.98
CA GLN B 16 9.91 24.59 -3.89
C GLN B 16 11.40 24.61 -4.17
N GLN B 17 12.08 23.49 -3.96
CA GLN B 17 13.51 23.44 -4.21
C GLN B 17 13.89 22.88 -5.58
N ASN B 18 12.95 22.32 -6.33
CA ASN B 18 13.33 21.68 -7.58
C ASN B 18 12.50 22.14 -8.78
N ALA B 19 11.23 22.48 -8.56
CA ALA B 19 10.37 22.87 -9.66
C ALA B 19 10.56 24.37 -9.97
N LYS B 20 10.07 24.77 -11.14
CA LYS B 20 10.12 26.14 -11.62
C LYS B 20 8.80 26.83 -11.34
N PRO B 21 8.80 27.98 -10.65
CA PRO B 21 7.52 28.66 -10.35
C PRO B 21 6.76 29.01 -11.63
N GLY B 22 5.45 28.74 -11.62
CA GLY B 22 4.63 29.06 -12.76
C GLY B 22 4.70 28.06 -13.88
N ASP B 23 5.38 26.93 -13.65
CA ASP B 23 5.55 25.86 -14.63
C ASP B 23 4.84 24.65 -14.03
N PRO B 24 3.52 24.51 -14.28
CA PRO B 24 2.78 23.42 -13.64
C PRO B 24 3.37 22.05 -13.94
N GLN B 25 3.92 21.83 -15.14
CA GLN B 25 4.47 20.52 -15.41
C GLN B 25 5.67 20.22 -14.50
N SER B 26 6.53 21.20 -14.23
CA SER B 26 7.66 20.89 -13.38
C SER B 26 7.23 20.60 -11.94
N VAL B 27 6.11 21.20 -11.49
CA VAL B 27 5.58 20.88 -10.16
C VAL B 27 5.14 19.43 -10.12
N LEU B 28 4.39 18.98 -11.13
CA LEU B 28 3.97 17.59 -11.13
C LEU B 28 5.14 16.63 -11.27
N GLU B 29 6.14 17.00 -12.06
CA GLU B 29 7.32 16.16 -12.14
C GLU B 29 8.02 16.07 -10.78
N ALA B 30 8.14 17.20 -10.08
CA ALA B 30 8.81 17.20 -8.78
C ALA B 30 8.06 16.34 -7.78
N ILE B 31 6.74 16.52 -7.66
CA ILE B 31 5.97 15.68 -6.75
C ILE B 31 6.12 14.22 -7.13
N ASP B 32 6.05 13.91 -8.43
CA ASP B 32 6.12 12.52 -8.85
C ASP B 32 7.47 11.91 -8.53
N THR B 33 8.55 12.67 -8.76
CA THR B 33 9.89 12.16 -8.47
C THR B 33 10.05 11.90 -6.97
N TYR B 34 9.68 12.88 -6.13
CA TYR B 34 9.85 12.69 -4.70
C TYR B 34 9.02 11.52 -4.21
N CYS B 35 7.81 11.34 -4.75
CA CYS B 35 7.00 10.26 -4.20
C CYS B 35 7.28 8.92 -4.84
N THR B 36 7.97 8.90 -5.99
CA THR B 36 8.52 7.67 -6.51
C THR B 36 9.81 7.26 -5.80
N GLN B 37 10.66 8.22 -5.50
CA GLN B 37 12.00 7.91 -5.00
C GLN B 37 12.09 7.85 -3.48
N LYS B 38 11.19 8.53 -2.77
CA LYS B 38 11.42 8.77 -1.35
C LYS B 38 10.23 8.41 -0.46
N GLU B 39 9.04 8.95 -0.74
CA GLU B 39 7.89 8.70 0.11
C GLU B 39 6.64 8.51 -0.73
N TRP B 40 6.07 7.31 -0.68
CA TRP B 40 4.78 7.09 -1.29
C TRP B 40 3.76 8.10 -0.75
N ALA B 41 2.87 8.55 -1.62
CA ALA B 41 1.80 9.44 -1.18
C ALA B 41 0.60 9.24 -2.10
N MET B 42 -0.59 9.58 -1.59
CA MET B 42 -1.83 9.33 -2.32
C MET B 42 -2.16 10.38 -3.37
N ASN B 43 -1.17 10.96 -4.04
CA ASN B 43 -1.48 11.74 -5.23
C ASN B 43 -2.01 10.82 -6.32
N VAL B 44 -2.81 11.38 -7.23
CA VAL B 44 -3.34 10.53 -8.29
C VAL B 44 -2.20 10.02 -9.17
N GLY B 45 -1.13 10.79 -9.30
CA GLY B 45 0.08 10.33 -9.95
C GLY B 45 0.05 10.49 -11.47
N ASP B 46 1.19 10.19 -12.09
CA ASP B 46 1.36 10.50 -13.51
C ASP B 46 0.54 9.57 -14.40
N ALA B 47 0.50 8.27 -14.10
CA ALA B 47 -0.21 7.37 -15.01
C ALA B 47 -1.71 7.69 -15.05
N LYS B 48 -2.35 7.76 -13.87
CA LYS B 48 -3.76 8.11 -13.86
C LYS B 48 -3.96 9.57 -14.24
N GLY B 49 -2.96 10.41 -13.94
CA GLY B 49 -3.05 11.81 -14.31
C GLY B 49 -3.18 12.01 -15.81
N GLN B 50 -2.56 11.11 -16.59
CA GLN B 50 -2.67 11.22 -18.04
C GLN B 50 -4.06 10.86 -18.52
N ILE B 51 -4.73 9.93 -17.85
CA ILE B 51 -6.13 9.68 -18.18
C ILE B 51 -6.96 10.91 -17.81
N MET B 52 -6.71 11.44 -16.61
CA MET B 52 -7.33 12.69 -16.16
C MET B 52 -7.10 13.81 -17.17
N ASP B 53 -5.87 13.93 -17.68
CA ASP B 53 -5.57 14.90 -18.73
C ASP B 53 -6.48 14.72 -19.93
N ALA B 54 -6.66 13.47 -20.38
CA ALA B 54 -7.46 13.23 -21.57
C ALA B 54 -8.90 13.66 -21.33
N VAL B 55 -9.43 13.40 -20.12
CA VAL B 55 -10.80 13.79 -19.80
C VAL B 55 -10.95 15.30 -19.83
N ILE B 56 -10.02 16.03 -19.19
CA ILE B 56 -10.08 17.49 -19.22
C ILE B 56 -10.02 18.01 -20.67
N ARG B 57 -9.09 17.51 -21.47
CA ARG B 57 -8.95 18.04 -22.82
C ARG B 57 -10.17 17.72 -23.69
N GLU B 58 -10.84 16.59 -23.44
CA GLU B 58 -11.98 16.22 -24.26
C GLU B 58 -13.23 17.05 -23.92
N TYR B 59 -13.51 17.22 -22.63
CA TYR B 59 -14.77 17.81 -22.22
C TYR B 59 -14.70 19.31 -21.96
N SER B 60 -13.49 19.91 -22.03
CA SER B 60 -13.17 21.29 -21.63
C SER B 60 -14.13 21.85 -20.60
N PRO B 61 -14.13 21.34 -19.39
CA PRO B 61 -15.11 21.80 -18.42
C PRO B 61 -14.83 23.24 -18.03
N SER B 62 -15.91 24.00 -17.82
CA SER B 62 -15.79 25.39 -17.38
C SER B 62 -15.79 25.52 -15.87
N LEU B 63 -16.30 24.55 -15.15
CA LEU B 63 -16.32 24.56 -13.69
C LEU B 63 -16.11 23.12 -13.23
N VAL B 64 -15.03 22.89 -12.50
CA VAL B 64 -14.66 21.57 -12.02
C VAL B 64 -14.73 21.59 -10.51
N LEU B 65 -15.29 20.53 -9.94
CA LEU B 65 -15.27 20.32 -8.50
C LEU B 65 -14.39 19.12 -8.21
N GLU B 66 -13.42 19.31 -7.34
CA GLU B 66 -12.58 18.21 -6.89
C GLU B 66 -12.90 17.92 -5.42
N LEU B 67 -13.07 16.65 -5.10
CA LEU B 67 -13.29 16.23 -3.72
C LEU B 67 -11.99 15.61 -3.21
N GLY B 68 -11.27 16.36 -2.38
CA GLY B 68 -9.99 15.89 -1.88
C GLY B 68 -8.80 16.55 -2.56
N ALA B 69 -8.22 17.54 -1.90
CA ALA B 69 -7.11 18.28 -2.50
C ALA B 69 -5.76 17.70 -2.09
N TYR B 70 -5.64 17.28 -0.83
CA TYR B 70 -4.39 16.81 -0.26
C TYR B 70 -3.29 17.85 -0.41
N CYS B 71 -2.30 17.58 -1.27
CA CYS B 71 -1.21 18.50 -1.49
C CYS B 71 -1.40 19.33 -2.75
N GLY B 72 -2.51 19.15 -3.47
CA GLY B 72 -2.79 19.95 -4.63
C GLY B 72 -2.28 19.39 -5.94
N TYR B 73 -1.82 18.13 -5.94
CA TYR B 73 -1.27 17.57 -7.17
C TYR B 73 -2.33 17.49 -8.27
N SER B 74 -3.49 16.89 -7.99
CA SER B 74 -4.49 16.76 -9.03
C SER B 74 -5.10 18.11 -9.39
N ALA B 75 -5.16 19.04 -8.42
CA ALA B 75 -5.62 20.39 -8.73
C ALA B 75 -4.70 21.06 -9.73
N VAL B 76 -3.39 20.97 -9.48
CA VAL B 76 -2.42 21.49 -10.45
C VAL B 76 -2.58 20.76 -11.77
N ARG B 77 -2.79 19.44 -11.71
CA ARG B 77 -2.87 18.67 -12.94
C ARG B 77 -4.06 19.09 -13.79
N MET B 78 -5.22 19.29 -13.16
CA MET B 78 -6.38 19.70 -13.95
C MET B 78 -6.34 21.19 -14.32
N ALA B 79 -5.99 22.05 -13.36
CA ALA B 79 -6.09 23.48 -13.64
C ALA B 79 -5.17 23.91 -14.76
N ARG B 80 -4.02 23.25 -14.90
CA ARG B 80 -3.11 23.62 -15.99
C ARG B 80 -3.72 23.37 -17.37
N LEU B 81 -4.80 22.59 -17.46
CA LEU B 81 -5.40 22.27 -18.74
C LEU B 81 -6.75 22.93 -18.97
N LEU B 82 -7.25 23.68 -18.00
CA LEU B 82 -8.51 24.39 -18.19
C LEU B 82 -8.30 25.54 -19.17
N GLN B 83 -9.36 25.85 -19.93
CA GLN B 83 -9.28 27.00 -20.83
C GLN B 83 -9.33 28.30 -20.03
N PRO B 84 -8.94 29.43 -20.62
CA PRO B 84 -9.05 30.70 -19.90
C PRO B 84 -10.49 30.96 -19.45
N GLY B 85 -10.64 31.36 -18.19
CA GLY B 85 -11.96 31.56 -17.63
C GLY B 85 -12.55 30.34 -16.94
N ALA B 86 -12.04 29.14 -17.22
CA ALA B 86 -12.54 27.98 -16.52
C ALA B 86 -11.95 27.96 -15.10
N ARG B 87 -12.66 27.30 -14.19
CA ARG B 87 -12.34 27.37 -12.78
C ARG B 87 -12.45 25.98 -12.17
N LEU B 88 -11.63 25.75 -11.15
CA LEU B 88 -11.69 24.54 -10.35
C LEU B 88 -11.95 24.89 -8.88
N LEU B 89 -12.93 24.21 -8.29
CA LEU B 89 -13.18 24.25 -6.85
C LEU B 89 -12.67 22.93 -6.28
N THR B 90 -11.86 23.00 -5.21
CA THR B 90 -11.41 21.77 -4.58
C THR B 90 -11.74 21.77 -3.09
N MET B 91 -12.37 20.69 -2.63
CA MET B 91 -12.81 20.58 -1.24
C MET B 91 -11.76 19.81 -0.43
N GLU B 92 -11.37 20.36 0.70
CA GLU B 92 -10.35 19.75 1.54
C GLU B 92 -10.70 20.00 2.99
N MET B 93 -10.93 18.93 3.76
CA MET B 93 -11.31 19.12 5.15
C MET B 93 -10.11 19.25 6.09
N ASN B 94 -8.92 18.90 5.65
CA ASN B 94 -7.74 18.97 6.51
C ASN B 94 -7.09 20.35 6.38
N PRO B 95 -7.15 21.20 7.40
CA PRO B 95 -6.59 22.56 7.23
C PRO B 95 -5.11 22.57 6.94
N ASP B 96 -4.36 21.58 7.44
CA ASP B 96 -2.93 21.51 7.11
C ASP B 96 -2.74 21.22 5.64
N TYR B 97 -3.52 20.28 5.10
CA TYR B 97 -3.43 19.98 3.68
C TYR B 97 -3.84 21.18 2.85
N ALA B 98 -4.91 21.87 3.27
CA ALA B 98 -5.38 23.02 2.50
C ALA B 98 -4.30 24.10 2.43
N ALA B 99 -3.58 24.29 3.54
CA ALA B 99 -2.49 25.26 3.52
C ALA B 99 -1.40 24.85 2.55
N ILE B 100 -1.04 23.56 2.54
CA ILE B 100 -0.06 23.04 1.59
C ILE B 100 -0.57 23.24 0.16
N THR B 101 -1.84 22.89 -0.08
CA THR B 101 -2.38 23.03 -1.44
C THR B 101 -2.32 24.49 -1.90
N GLN B 102 -2.64 25.43 -1.02
CA GLN B 102 -2.55 26.82 -1.42
C GLN B 102 -1.13 27.17 -1.83
N GLN B 103 -0.12 26.66 -1.10
CA GLN B 103 1.26 26.94 -1.49
C GLN B 103 1.59 26.29 -2.82
N MET B 104 1.06 25.09 -3.06
CA MET B 104 1.30 24.41 -4.32
C MET B 104 0.70 25.21 -5.47
N LEU B 105 -0.54 25.68 -5.32
CA LEU B 105 -1.17 26.45 -6.38
C LEU B 105 -0.42 27.74 -6.66
N ASN B 106 0.01 28.44 -5.60
CA ASN B 106 0.82 29.63 -5.81
C ASN B 106 2.08 29.28 -6.59
N PHE B 107 2.77 28.21 -6.18
CA PHE B 107 4.02 27.87 -6.84
C PHE B 107 3.77 27.52 -8.30
N ALA B 108 2.75 26.72 -8.58
CA ALA B 108 2.43 26.37 -9.96
C ALA B 108 1.90 27.56 -10.77
N GLY B 109 1.53 28.66 -10.10
CA GLY B 109 0.93 29.77 -10.81
C GLY B 109 -0.53 29.56 -11.15
N LEU B 110 -1.21 28.63 -10.47
CA LEU B 110 -2.60 28.35 -10.78
C LEU B 110 -3.55 28.90 -9.72
N GLN B 111 -3.06 29.75 -8.81
CA GLN B 111 -3.89 30.25 -7.72
C GLN B 111 -5.10 31.02 -8.22
N ASP B 112 -5.03 31.66 -9.39
CA ASP B 112 -6.20 32.41 -9.86
C ASP B 112 -7.25 31.53 -10.54
N LYS B 113 -6.97 30.25 -10.77
CA LYS B 113 -7.93 29.38 -11.42
C LYS B 113 -8.56 28.39 -10.46
N VAL B 114 -8.02 28.26 -9.25
CA VAL B 114 -8.45 27.27 -8.30
C VAL B 114 -8.84 27.97 -7.02
N THR B 115 -9.91 27.50 -6.40
CA THR B 115 -10.36 27.96 -5.10
C THR B 115 -10.46 26.77 -4.17
N ILE B 116 -9.75 26.84 -3.05
CA ILE B 116 -9.86 25.82 -2.03
C ILE B 116 -11.10 26.10 -1.20
N LEU B 117 -11.97 25.11 -1.06
CA LEU B 117 -13.10 25.21 -0.14
C LEU B 117 -12.75 24.39 1.09
N ASN B 118 -12.71 25.04 2.24
CA ASN B 118 -12.30 24.42 3.51
C ASN B 118 -13.51 23.79 4.19
N GLY B 119 -13.49 22.48 4.34
CA GLY B 119 -14.58 21.77 4.99
C GLY B 119 -14.76 20.40 4.36
N ALA B 120 -15.75 19.68 4.87
CA ALA B 120 -16.05 18.33 4.38
C ALA B 120 -17.09 18.40 3.26
N SER B 121 -16.88 17.57 2.24
CA SER B 121 -17.75 17.55 1.07
C SER B 121 -19.23 17.40 1.45
N GLN B 122 -19.56 16.53 2.42
CA GLN B 122 -20.95 16.32 2.78
C GLN B 122 -21.58 17.54 3.45
N ASP B 123 -20.78 18.44 4.00
CA ASP B 123 -21.31 19.71 4.46
C ASP B 123 -21.31 20.77 3.36
N LEU B 124 -20.31 20.76 2.47
CA LEU B 124 -20.16 21.85 1.51
C LEU B 124 -21.01 21.67 0.26
N ILE B 125 -21.13 20.42 -0.24
CA ILE B 125 -21.91 20.19 -1.46
C ILE B 125 -23.33 20.75 -1.35
N PRO B 126 -24.10 20.49 -0.29
CA PRO B 126 -25.45 21.05 -0.23
C PRO B 126 -25.43 22.56 -0.12
N GLN B 127 -24.27 23.16 0.10
CA GLN B 127 -24.14 24.59 0.21
C GLN B 127 -23.59 25.26 -1.05
N LEU B 128 -23.22 24.47 -2.08
CA LEU B 128 -22.56 25.04 -3.25
C LEU B 128 -23.44 26.05 -3.97
N LYS B 129 -24.73 25.74 -4.14
CA LYS B 129 -25.59 26.63 -4.92
C LYS B 129 -25.80 27.96 -4.22
N LYS B 130 -26.02 27.94 -2.89
CA LYS B 130 -26.42 29.15 -2.17
C LYS B 130 -25.26 29.87 -1.50
N LYS B 131 -24.21 29.18 -1.08
CA LYS B 131 -23.08 29.87 -0.49
C LYS B 131 -21.95 30.15 -1.47
N TYR B 132 -21.79 29.33 -2.50
CA TYR B 132 -20.68 29.51 -3.43
C TYR B 132 -21.13 29.85 -4.85
N ASP B 133 -22.43 30.12 -5.05
CA ASP B 133 -22.93 30.67 -6.29
C ASP B 133 -22.77 29.72 -7.46
N VAL B 134 -22.69 28.43 -7.19
CA VAL B 134 -22.59 27.48 -8.28
C VAL B 134 -23.96 27.26 -8.90
N ASP B 135 -24.02 27.23 -10.23
CA ASP B 135 -25.23 26.76 -10.90
C ASP B 135 -25.13 25.25 -11.08
N THR B 136 -24.41 24.79 -12.11
CA THR B 136 -24.14 23.37 -12.29
C THR B 136 -22.64 23.18 -12.47
N LEU B 137 -22.20 21.98 -12.17
CA LEU B 137 -20.81 21.58 -12.37
C LEU B 137 -20.67 20.91 -13.73
N ASP B 138 -19.53 21.15 -14.37
CA ASP B 138 -19.24 20.46 -15.62
C ASP B 138 -18.46 19.18 -15.39
N MET B 139 -17.74 19.11 -14.29
CA MET B 139 -16.91 17.94 -14.01
C MET B 139 -16.71 17.83 -12.51
N VAL B 140 -16.67 16.60 -12.01
CA VAL B 140 -16.35 16.31 -10.62
C VAL B 140 -15.28 15.24 -10.61
N PHE B 141 -14.23 15.47 -9.82
CA PHE B 141 -13.19 14.47 -9.58
C PHE B 141 -13.36 13.99 -8.14
N LEU B 142 -13.69 12.72 -7.97
CA LEU B 142 -13.86 12.13 -6.66
C LEU B 142 -12.56 11.43 -6.27
N ASP B 143 -11.97 11.84 -5.15
CA ASP B 143 -10.73 11.25 -4.70
C ASP B 143 -10.53 11.49 -3.22
N HIS B 144 -11.62 11.46 -2.45
CA HIS B 144 -11.49 11.66 -1.01
C HIS B 144 -11.66 10.30 -0.35
N TRP B 145 -12.15 10.23 0.89
CA TRP B 145 -12.29 8.91 1.50
C TRP B 145 -13.33 8.08 0.74
N LYS B 146 -12.98 6.83 0.47
CA LYS B 146 -13.73 6.02 -0.48
C LYS B 146 -15.16 5.71 0.01
N ASP B 147 -15.40 5.69 1.31
CA ASP B 147 -16.78 5.49 1.71
C ASP B 147 -17.67 6.70 1.44
N ARG B 148 -17.15 7.81 0.92
CA ARG B 148 -17.97 8.98 0.61
C ARG B 148 -18.32 9.09 -0.87
N TYR B 149 -17.72 8.29 -1.75
CA TYR B 149 -18.01 8.40 -3.17
C TYR B 149 -19.50 8.26 -3.44
N LEU B 150 -20.11 7.21 -2.92
CA LEU B 150 -21.51 6.98 -3.24
C LEU B 150 -22.41 8.05 -2.61
N PRO B 151 -22.34 8.31 -1.30
CA PRO B 151 -23.25 9.34 -0.74
C PRO B 151 -23.03 10.73 -1.34
N ASP B 152 -21.78 11.07 -1.68
CA ASP B 152 -21.55 12.40 -2.26
C ASP B 152 -22.06 12.47 -3.69
N THR B 153 -21.92 11.39 -4.46
CA THR B 153 -22.52 11.36 -5.78
C THR B 153 -24.03 11.58 -5.69
N LEU B 154 -24.67 10.86 -4.75
CA LEU B 154 -26.09 11.04 -4.54
C LEU B 154 -26.39 12.47 -4.11
N LEU B 155 -25.51 13.07 -3.30
CA LEU B 155 -25.71 14.45 -2.89
C LEU B 155 -25.66 15.39 -4.08
N LEU B 156 -24.68 15.15 -4.99
CA LEU B 156 -24.56 15.95 -6.20
C LEU B 156 -25.82 15.90 -7.02
N GLU B 157 -26.38 14.69 -7.14
CA GLU B 157 -27.64 14.53 -7.87
C GLU B 157 -28.78 15.17 -7.11
N LYS B 158 -28.85 14.94 -5.79
CA LYS B 158 -30.03 15.43 -5.04
C LYS B 158 -30.04 16.94 -4.96
N CYS B 159 -28.85 17.56 -5.03
CA CYS B 159 -28.71 19.00 -4.94
C CYS B 159 -28.80 19.71 -6.27
N GLY B 160 -29.00 18.97 -7.37
CA GLY B 160 -29.16 19.58 -8.68
C GLY B 160 -27.89 20.21 -9.23
N LEU B 161 -26.73 19.72 -8.83
CA LEU B 161 -25.46 20.27 -9.28
C LEU B 161 -24.94 19.62 -10.55
N LEU B 162 -25.56 18.53 -11.01
CA LEU B 162 -25.15 17.89 -12.25
C LEU B 162 -26.12 18.27 -13.36
N ARG B 163 -25.60 18.34 -14.58
CA ARG B 163 -26.47 18.51 -15.74
C ARG B 163 -26.12 17.44 -16.76
N LYS B 164 -26.93 17.36 -17.82
CA LYS B 164 -26.65 16.37 -18.85
C LYS B 164 -25.27 16.62 -19.43
N GLY B 165 -24.41 15.60 -19.38
CA GLY B 165 -23.05 15.73 -19.87
C GLY B 165 -22.01 16.06 -18.82
N THR B 166 -22.41 16.24 -17.57
CA THR B 166 -21.43 16.43 -16.52
C THR B 166 -20.61 15.16 -16.37
N VAL B 167 -19.30 15.33 -16.23
CA VAL B 167 -18.40 14.20 -16.13
C VAL B 167 -18.03 13.98 -14.66
N LEU B 168 -18.35 12.80 -14.13
CA LEU B 168 -17.77 12.34 -12.87
C LEU B 168 -16.58 11.45 -13.21
N LEU B 169 -15.45 11.74 -12.58
CA LEU B 169 -14.23 10.94 -12.73
C LEU B 169 -13.83 10.49 -11.32
N ALA B 170 -13.80 9.18 -11.10
CA ALA B 170 -13.57 8.65 -9.77
C ALA B 170 -12.25 7.92 -9.76
N ASP B 171 -11.36 8.32 -8.85
CA ASP B 171 -10.10 7.64 -8.65
C ASP B 171 -10.29 6.39 -7.80
N ASN B 172 -9.39 5.43 -7.94
CA ASN B 172 -9.27 4.33 -6.98
C ASN B 172 -10.46 3.37 -6.97
N VAL B 173 -11.18 3.23 -8.09
CA VAL B 173 -12.38 2.39 -8.03
C VAL B 173 -12.04 0.92 -7.92
N ILE B 174 -10.78 0.52 -8.18
CA ILE B 174 -10.32 -0.86 -7.95
C ILE B 174 -9.50 -0.98 -6.67
N VAL B 175 -8.53 -0.09 -6.46
CA VAL B 175 -7.68 -0.12 -5.28
C VAL B 175 -7.62 1.29 -4.71
N PRO B 176 -7.99 1.50 -3.44
CA PRO B 176 -8.56 0.55 -2.49
C PRO B 176 -9.92 -0.04 -2.91
N GLY B 177 -10.59 0.58 -3.88
CA GLY B 177 -11.83 0.03 -4.42
C GLY B 177 -13.05 0.77 -3.95
N THR B 178 -14.02 0.99 -4.85
CA THR B 178 -15.28 1.64 -4.51
C THR B 178 -16.45 0.81 -5.04
N PRO B 179 -16.62 -0.42 -4.56
CA PRO B 179 -17.60 -1.33 -5.21
C PRO B 179 -19.04 -0.81 -5.18
N ASP B 180 -19.44 -0.12 -4.11
CA ASP B 180 -20.81 0.41 -4.04
C ASP B 180 -21.00 1.57 -5.02
N PHE B 181 -20.03 2.48 -5.13
CA PHE B 181 -20.12 3.55 -6.11
C PHE B 181 -20.18 2.99 -7.53
N LEU B 182 -19.31 2.03 -7.80
CA LEU B 182 -19.27 1.38 -9.10
C LEU B 182 -20.60 0.71 -9.43
N ALA B 183 -21.14 -0.07 -8.49
CA ALA B 183 -22.42 -0.73 -8.75
C ALA B 183 -23.52 0.30 -8.97
N TYR B 184 -23.48 1.42 -8.24
CA TYR B 184 -24.53 2.41 -8.42
C TYR B 184 -24.48 3.01 -9.83
N VAL B 185 -23.36 3.63 -10.23
CA VAL B 185 -23.33 4.34 -11.51
C VAL B 185 -23.42 3.37 -12.68
N ARG B 186 -22.81 2.19 -12.55
CA ARG B 186 -22.90 1.22 -13.64
C ARG B 186 -24.32 0.70 -13.81
N GLY B 187 -25.16 0.82 -12.79
CA GLY B 187 -26.49 0.29 -12.83
C GLY B 187 -27.56 1.34 -13.04
N SER B 188 -27.16 2.60 -13.01
CA SER B 188 -28.12 3.69 -13.17
C SER B 188 -28.12 4.12 -14.62
N SER B 189 -29.30 4.17 -15.23
CA SER B 189 -29.38 4.73 -16.56
C SER B 189 -29.16 6.25 -16.55
N SER B 190 -28.99 6.84 -15.37
CA SER B 190 -28.62 8.24 -15.31
C SER B 190 -27.12 8.42 -15.49
N PHE B 191 -26.38 7.35 -15.76
CA PHE B 191 -24.96 7.49 -16.02
C PHE B 191 -24.55 6.62 -17.19
N GLU B 192 -23.60 7.12 -17.98
CA GLU B 192 -22.87 6.33 -18.97
C GLU B 192 -21.45 6.18 -18.46
N CYS B 193 -21.00 4.94 -18.32
CA CYS B 193 -19.75 4.67 -17.62
C CYS B 193 -18.70 4.12 -18.55
N THR B 194 -17.46 4.41 -18.20
CA THR B 194 -16.29 3.92 -18.90
C THR B 194 -15.25 3.62 -17.83
N HIS B 195 -14.66 2.44 -17.89
CA HIS B 195 -13.60 2.10 -16.97
C HIS B 195 -12.26 2.24 -17.66
N TYR B 196 -11.33 2.94 -17.00
CA TYR B 196 -9.97 3.19 -17.53
C TYR B 196 -8.99 2.35 -16.72
N SER B 197 -8.42 1.33 -17.38
CA SER B 197 -7.41 0.52 -16.71
C SER B 197 -6.18 1.37 -16.41
N SER B 198 -5.66 1.28 -15.18
CA SER B 198 -4.40 1.98 -14.94
C SER B 198 -3.63 1.31 -13.82
N TYR B 199 -2.79 2.08 -13.14
CA TYR B 199 -1.99 1.56 -12.05
C TYR B 199 -2.10 2.51 -10.87
N LEU B 200 -2.14 1.93 -9.67
CA LEU B 200 -2.04 2.70 -8.45
C LEU B 200 -0.79 3.58 -8.47
N GLU B 201 -0.96 4.82 -8.03
CA GLU B 201 0.13 5.80 -8.08
C GLU B 201 1.41 5.22 -7.50
N TYR B 202 2.50 5.36 -8.26
CA TYR B 202 3.84 5.01 -7.81
C TYR B 202 4.01 3.52 -7.55
N MET B 203 3.12 2.69 -8.07
CA MET B 203 3.16 1.26 -7.75
C MET B 203 2.85 0.46 -9.02
N LYS B 204 3.02 -0.86 -8.95
CA LYS B 204 2.63 -1.71 -10.07
C LYS B 204 1.41 -2.56 -9.71
N VAL B 205 0.59 -2.06 -8.79
CA VAL B 205 -0.73 -2.62 -8.53
C VAL B 205 -1.74 -2.03 -9.51
N VAL B 206 -2.55 -2.88 -10.12
CA VAL B 206 -3.55 -2.40 -11.05
C VAL B 206 -4.60 -1.61 -10.29
N ASP B 207 -4.96 -0.45 -10.82
CA ASP B 207 -6.08 0.33 -10.36
C ASP B 207 -6.82 0.84 -11.59
N GLY B 208 -7.84 1.64 -11.37
CA GLY B 208 -8.63 2.15 -12.48
C GLY B 208 -9.37 3.40 -12.06
N LEU B 209 -9.74 4.19 -13.07
CA LEU B 209 -10.64 5.30 -12.91
C LEU B 209 -11.96 4.93 -13.55
N GLU B 210 -13.05 5.42 -12.99
CA GLU B 210 -14.35 5.31 -13.62
C GLU B 210 -14.77 6.68 -14.11
N LYS B 211 -15.04 6.79 -15.40
CA LYS B 211 -15.68 7.98 -15.94
C LYS B 211 -17.18 7.71 -16.01
N ALA B 212 -17.96 8.54 -15.31
CA ALA B 212 -19.43 8.40 -15.30
C ALA B 212 -20.04 9.73 -15.71
N ILE B 213 -20.64 9.76 -16.90
CA ILE B 213 -21.24 10.96 -17.47
C ILE B 213 -22.72 10.95 -17.14
N TYR B 214 -23.17 11.95 -16.41
CA TYR B 214 -24.57 12.10 -16.05
C TYR B 214 -25.43 12.36 -17.29
N GLN B 215 -26.61 11.75 -17.34
CA GLN B 215 -27.47 11.84 -18.51
C GLN B 215 -28.70 12.68 -18.26
N GLY B 216 -28.81 13.30 -17.08
CA GLY B 216 -30.00 14.01 -16.70
C GLY B 216 -30.90 13.14 -15.85
N PRO B 217 -31.81 13.76 -15.09
CA PRO B 217 -32.72 12.99 -14.22
C PRO B 217 -33.66 12.08 -15.02
N SER B 218 -34.02 10.95 -14.41
CA SER B 218 -35.01 10.04 -15.00
C SER B 218 -36.44 10.51 -14.70
N ASP C 5 13.99 -13.39 -5.12
CA ASP C 5 14.85 -13.04 -3.98
C ASP C 5 14.30 -11.87 -3.13
N THR C 6 15.08 -11.41 -2.16
CA THR C 6 14.65 -10.40 -1.20
C THR C 6 15.47 -9.12 -1.35
N LYS C 7 14.95 -8.03 -0.76
CA LYS C 7 15.70 -6.76 -0.78
C LYS C 7 17.10 -6.95 -0.22
N GLU C 8 17.22 -7.71 0.85
CA GLU C 8 18.53 -7.87 1.47
C GLU C 8 19.45 -8.68 0.58
N GLN C 9 18.91 -9.65 -0.17
CA GLN C 9 19.79 -10.38 -1.09
C GLN C 9 20.19 -9.49 -2.26
N ARG C 10 19.32 -8.56 -2.67
CA ARG C 10 19.68 -7.67 -3.78
C ARG C 10 20.75 -6.69 -3.34
N ILE C 11 20.65 -6.18 -2.10
CA ILE C 11 21.71 -5.33 -1.58
C ILE C 11 23.03 -6.09 -1.56
N LEU C 12 23.00 -7.34 -1.09
CA LEU C 12 24.22 -8.15 -1.07
C LEU C 12 24.74 -8.43 -2.48
N ARG C 13 23.84 -8.77 -3.41
CA ARG C 13 24.28 -9.03 -4.78
C ARG C 13 24.84 -7.76 -5.41
N TYR C 14 24.28 -6.59 -5.07
CA TYR C 14 24.81 -5.36 -5.63
C TYR C 14 26.23 -5.09 -5.15
N VAL C 15 26.45 -5.26 -3.83
CA VAL C 15 27.79 -5.11 -3.28
C VAL C 15 28.75 -6.06 -3.96
N GLN C 16 28.35 -7.34 -4.10
CA GLN C 16 29.23 -8.33 -4.68
C GLN C 16 29.57 -7.98 -6.12
N GLN C 17 28.68 -7.29 -6.81
CA GLN C 17 28.91 -6.99 -8.22
C GLN C 17 29.59 -5.65 -8.45
N ASN C 18 29.71 -4.80 -7.43
CA ASN C 18 30.19 -3.44 -7.67
C ASN C 18 31.32 -3.02 -6.73
N ALA C 19 31.32 -3.53 -5.51
CA ALA C 19 32.34 -3.08 -4.58
C ALA C 19 33.63 -3.89 -4.75
N LYS C 20 34.72 -3.34 -4.20
CA LYS C 20 35.99 -4.05 -4.34
C LYS C 20 36.17 -5.03 -3.18
N PRO C 21 36.42 -6.31 -3.46
CA PRO C 21 36.56 -7.29 -2.37
C PRO C 21 37.63 -6.88 -1.38
N GLY C 22 37.32 -7.02 -0.10
CA GLY C 22 38.27 -6.72 0.96
C GLY C 22 38.43 -5.26 1.27
N ASP C 23 37.62 -4.38 0.69
CA ASP C 23 37.70 -2.93 0.86
C ASP C 23 36.44 -2.46 1.59
N PRO C 24 36.47 -2.37 2.92
CA PRO C 24 35.25 -2.00 3.66
C PRO C 24 34.63 -0.70 3.21
N GLN C 25 35.43 0.31 2.92
CA GLN C 25 34.87 1.59 2.51
C GLN C 25 34.09 1.43 1.21
N SER C 26 34.60 0.61 0.30
CA SER C 26 33.93 0.39 -0.98
C SER C 26 32.62 -0.36 -0.79
N VAL C 27 32.55 -1.24 0.22
CA VAL C 27 31.32 -1.96 0.54
C VAL C 27 30.26 -1.02 1.10
N LEU C 28 30.65 -0.11 2.00
CA LEU C 28 29.66 0.82 2.55
C LEU C 28 29.16 1.78 1.47
N GLU C 29 30.06 2.19 0.57
CA GLU C 29 29.65 3.08 -0.51
C GLU C 29 28.63 2.42 -1.42
N ALA C 30 28.86 1.14 -1.72
CA ALA C 30 27.94 0.39 -2.58
C ALA C 30 26.57 0.24 -1.92
N ILE C 31 26.53 -0.18 -0.64
CA ILE C 31 25.26 -0.26 0.07
C ILE C 31 24.56 1.09 0.09
N ASP C 32 25.31 2.15 0.39
CA ASP C 32 24.70 3.48 0.48
C ASP C 32 24.22 3.97 -0.88
N THR C 33 24.98 3.71 -1.93
CA THR C 33 24.53 4.08 -3.26
C THR C 33 23.25 3.33 -3.62
N TYR C 34 23.24 2.01 -3.40
CA TYR C 34 22.09 1.21 -3.81
C TYR C 34 20.83 1.61 -3.07
N CYS C 35 20.96 1.95 -1.80
CA CYS C 35 19.77 2.28 -1.01
C CYS C 35 19.41 3.75 -1.11
N THR C 36 20.28 4.60 -1.62
CA THR C 36 19.86 5.96 -1.98
C THR C 36 19.07 5.98 -3.27
N GLN C 37 19.47 5.15 -4.23
CA GLN C 37 19.00 5.28 -5.59
C GLN C 37 17.96 4.26 -6.00
N LYS C 38 17.92 3.09 -5.36
CA LYS C 38 17.01 2.05 -5.82
C LYS C 38 16.07 1.54 -4.74
N GLU C 39 16.56 1.15 -3.57
CA GLU C 39 15.68 0.62 -2.52
C GLU C 39 16.15 1.10 -1.15
N TRP C 40 15.32 1.92 -0.51
CA TRP C 40 15.55 2.28 0.87
C TRP C 40 15.68 1.04 1.75
N ALA C 41 16.57 1.11 2.74
CA ALA C 41 16.73 0.06 3.74
C ALA C 41 17.24 0.69 5.04
N MET C 42 17.02 -0.02 6.15
CA MET C 42 17.30 0.53 7.48
C MET C 42 18.75 0.40 7.93
N ASN C 43 19.73 0.52 7.04
CA ASN C 43 21.10 0.65 7.50
C ASN C 43 21.28 1.99 8.20
N VAL C 44 22.28 2.08 9.07
CA VAL C 44 22.44 3.34 9.77
C VAL C 44 22.82 4.44 8.78
N GLY C 45 23.51 4.08 7.69
CA GLY C 45 23.77 5.00 6.60
C GLY C 45 25.00 5.87 6.82
N ASP C 46 25.34 6.65 5.80
CA ASP C 46 26.61 7.37 5.84
C ASP C 46 26.60 8.52 6.83
N ALA C 47 25.53 9.32 6.86
CA ALA C 47 25.52 10.49 7.74
C ALA C 47 25.62 10.09 9.20
N LYS C 48 24.70 9.23 9.65
CA LYS C 48 24.79 8.76 11.02
C LYS C 48 26.01 7.86 11.20
N GLY C 49 26.44 7.18 10.13
CA GLY C 49 27.64 6.35 10.21
C GLY C 49 28.88 7.15 10.53
N GLN C 50 28.92 8.40 10.08
CA GLN C 50 30.08 9.25 10.34
C GLN C 50 30.12 9.65 11.80
N ILE C 51 28.96 9.82 12.43
CA ILE C 51 28.92 10.04 13.86
C ILE C 51 29.39 8.77 14.58
N MET C 52 28.89 7.62 14.15
CA MET C 52 29.35 6.36 14.71
C MET C 52 30.87 6.22 14.58
N ASP C 53 31.45 6.55 13.41
CA ASP C 53 32.89 6.49 13.26
C ASP C 53 33.59 7.32 14.33
N ALA C 54 33.09 8.54 14.57
CA ALA C 54 33.74 9.42 15.53
C ALA C 54 33.71 8.82 16.94
N VAL C 55 32.58 8.20 17.31
CA VAL C 55 32.49 7.59 18.63
C VAL C 55 33.51 6.48 18.76
N ILE C 56 33.56 5.60 17.74
CA ILE C 56 34.53 4.51 17.76
C ILE C 56 35.94 5.07 17.87
N ARG C 57 36.26 6.08 17.05
CA ARG C 57 37.62 6.62 17.06
C ARG C 57 37.98 7.31 18.36
N GLU C 58 37.00 7.88 19.06
CA GLU C 58 37.31 8.57 20.30
C GLU C 58 37.62 7.58 21.42
N TYR C 59 36.79 6.53 21.56
CA TYR C 59 36.83 5.62 22.69
C TYR C 59 37.64 4.35 22.42
N SER C 60 38.13 4.15 21.19
CA SER C 60 38.78 2.94 20.69
C SER C 60 38.40 1.70 21.51
N PRO C 61 37.17 1.26 21.42
CA PRO C 61 36.73 0.15 22.26
C PRO C 61 37.38 -1.15 21.83
N SER C 62 37.66 -2.01 22.82
CA SER C 62 38.22 -3.33 22.55
C SER C 62 37.15 -4.39 22.38
N LEU C 63 35.94 -4.14 22.87
CA LEU C 63 34.85 -5.09 22.72
C LEU C 63 33.56 -4.31 22.54
N VAL C 64 32.91 -4.47 21.39
CA VAL C 64 31.69 -3.75 21.05
C VAL C 64 30.57 -4.76 20.87
N LEU C 65 29.40 -4.43 21.41
CA LEU C 65 28.20 -5.22 21.22
C LEU C 65 27.24 -4.44 20.35
N GLU C 66 26.78 -5.06 19.27
CA GLU C 66 25.78 -4.44 18.40
C GLU C 66 24.49 -5.25 18.52
N LEU C 67 23.38 -4.54 18.74
CA LEU C 67 22.05 -5.14 18.80
C LEU C 67 21.33 -4.81 17.51
N GLY C 68 21.21 -5.80 16.62
CA GLY C 68 20.61 -5.58 15.32
C GLY C 68 21.63 -5.49 14.19
N ALA C 69 21.82 -6.57 13.45
CA ALA C 69 22.80 -6.60 12.37
C ALA C 69 22.20 -6.27 11.01
N TYR C 70 20.99 -6.78 10.72
CA TYR C 70 20.36 -6.63 9.41
C TYR C 70 21.30 -7.12 8.30
N CYS C 71 21.84 -6.24 7.46
CA CYS C 71 22.69 -6.68 6.35
C CYS C 71 24.18 -6.55 6.62
N GLY C 72 24.57 -6.10 7.82
CA GLY C 72 25.97 -5.97 8.16
C GLY C 72 26.58 -4.61 7.88
N TYR C 73 25.76 -3.63 7.50
CA TYR C 73 26.29 -2.31 7.18
C TYR C 73 27.03 -1.71 8.38
N SER C 74 26.38 -1.66 9.54
CA SER C 74 27.06 -1.05 10.68
C SER C 74 28.16 -1.95 11.22
N ALA C 75 28.03 -3.27 11.06
CA ALA C 75 29.11 -4.16 11.44
C ALA C 75 30.36 -3.85 10.65
N VAL C 76 30.23 -3.73 9.33
CA VAL C 76 31.36 -3.33 8.50
C VAL C 76 31.87 -1.97 8.95
N ARG C 77 30.94 -1.06 9.22
CA ARG C 77 31.31 0.31 9.53
C ARG C 77 32.13 0.38 10.79
N MET C 78 31.74 -0.37 11.82
CA MET C 78 32.49 -0.39 13.07
C MET C 78 33.71 -1.30 12.98
N ALA C 79 33.56 -2.48 12.39
CA ALA C 79 34.68 -3.41 12.44
C ALA C 79 35.88 -2.86 11.69
N ARG C 80 35.65 -2.08 10.63
CA ARG C 80 36.75 -1.54 9.84
C ARG C 80 37.63 -0.60 10.63
N LEU C 81 37.16 -0.11 11.79
CA LEU C 81 37.90 0.83 12.62
C LEU C 81 38.40 0.24 13.93
N LEU C 82 38.08 -1.02 14.22
CA LEU C 82 38.55 -1.65 15.45
C LEU C 82 40.04 -1.94 15.41
N GLN C 83 40.67 -1.83 16.58
CA GLN C 83 42.08 -2.09 16.59
C GLN C 83 42.42 -3.56 16.65
N PRO C 84 43.68 -3.93 16.34
CA PRO C 84 44.02 -5.34 16.35
C PRO C 84 43.68 -5.95 17.70
N GLY C 85 42.95 -7.08 17.66
CA GLY C 85 42.52 -7.75 18.85
C GLY C 85 41.15 -7.36 19.33
N ALA C 86 40.63 -6.22 18.87
CA ALA C 86 39.30 -5.80 19.25
C ALA C 86 38.26 -6.65 18.52
N ARG C 87 37.07 -6.73 19.11
CA ARG C 87 36.03 -7.63 18.64
C ARG C 87 34.71 -6.88 18.59
N LEU C 88 33.89 -7.28 17.62
CA LEU C 88 32.51 -6.84 17.57
C LEU C 88 31.66 -8.08 17.68
N LEU C 89 30.73 -8.08 18.63
CA LEU C 89 29.70 -9.11 18.71
C LEU C 89 28.41 -8.48 18.20
N THR C 90 27.76 -9.12 17.23
CA THR C 90 26.49 -8.61 16.76
C THR C 90 25.40 -9.67 16.90
N MET C 91 24.30 -9.26 17.53
CA MET C 91 23.16 -10.12 17.79
C MET C 91 22.10 -9.84 16.74
N GLU C 92 21.61 -10.90 16.10
CA GLU C 92 20.60 -10.79 15.04
C GLU C 92 19.65 -11.96 15.19
N MET C 93 18.37 -11.67 15.41
CA MET C 93 17.43 -12.75 15.65
C MET C 93 16.91 -13.35 14.36
N ASN C 94 17.11 -12.66 13.24
CA ASN C 94 16.64 -13.14 11.95
C ASN C 94 17.76 -13.91 11.27
N PRO C 95 17.63 -15.23 11.09
CA PRO C 95 18.72 -16.00 10.45
C PRO C 95 18.97 -15.61 8.99
N ASP C 96 17.95 -15.16 8.25
CA ASP C 96 18.22 -14.72 6.88
C ASP C 96 19.09 -13.48 6.89
N TYR C 97 18.82 -12.53 7.79
CA TYR C 97 19.66 -11.35 7.91
C TYR C 97 21.06 -11.74 8.39
N ALA C 98 21.14 -12.65 9.35
CA ALA C 98 22.44 -13.03 9.86
C ALA C 98 23.30 -13.63 8.77
N ALA C 99 22.69 -14.43 7.88
CA ALA C 99 23.46 -15.00 6.76
C ALA C 99 23.91 -13.92 5.80
N ILE C 100 23.06 -12.95 5.52
CA ILE C 100 23.48 -11.84 4.67
C ILE C 100 24.63 -11.11 5.34
N THR C 101 24.49 -10.84 6.63
CA THR C 101 25.54 -10.13 7.35
C THR C 101 26.87 -10.86 7.25
N GLN C 102 26.87 -12.19 7.40
CA GLN C 102 28.12 -12.93 7.32
C GLN C 102 28.75 -12.79 5.94
N GLN C 103 27.94 -12.83 4.89
CA GLN C 103 28.52 -12.69 3.56
C GLN C 103 29.05 -11.28 3.33
N MET C 104 28.35 -10.26 3.87
CA MET C 104 28.83 -8.90 3.75
C MET C 104 30.18 -8.74 4.43
N LEU C 105 30.31 -9.27 5.66
CA LEU C 105 31.59 -9.19 6.36
C LEU C 105 32.67 -9.97 5.60
N ASN C 106 32.32 -11.15 5.06
CA ASN C 106 33.27 -11.90 4.25
C ASN C 106 33.76 -11.06 3.09
N PHE C 107 32.84 -10.41 2.38
CA PHE C 107 33.23 -9.61 1.23
C PHE C 107 34.13 -8.45 1.66
N ALA C 108 33.78 -7.78 2.76
CA ALA C 108 34.57 -6.67 3.26
C ALA C 108 35.93 -7.11 3.80
N GLY C 109 36.14 -8.40 4.02
CA GLY C 109 37.38 -8.84 4.63
C GLY C 109 37.45 -8.61 6.12
N LEU C 110 36.31 -8.40 6.78
CA LEU C 110 36.25 -8.14 8.21
C LEU C 110 35.70 -9.32 9.00
N GLN C 111 35.54 -10.49 8.37
CA GLN C 111 34.92 -11.64 9.03
C GLN C 111 35.66 -12.02 10.31
N ASP C 112 36.95 -11.75 10.39
CA ASP C 112 37.77 -12.14 11.52
C ASP C 112 37.62 -11.23 12.73
N LYS C 113 36.92 -10.11 12.61
CA LYS C 113 36.81 -9.17 13.70
C LYS C 113 35.44 -9.19 14.35
N VAL C 114 34.49 -9.96 13.80
CA VAL C 114 33.11 -9.93 14.22
C VAL C 114 32.63 -11.35 14.54
N THR C 115 31.82 -11.46 15.59
CA THR C 115 31.15 -12.71 15.92
C THR C 115 29.65 -12.48 15.83
N ILE C 116 29.00 -13.18 14.92
CA ILE C 116 27.55 -13.09 14.76
C ILE C 116 26.90 -14.06 15.73
N LEU C 117 26.04 -13.53 16.61
CA LEU C 117 25.27 -14.35 17.54
C LEU C 117 23.82 -14.42 17.08
N ASN C 118 23.36 -15.64 16.78
CA ASN C 118 22.02 -15.86 16.27
C ASN C 118 21.04 -15.99 17.43
N GLY C 119 20.10 -15.10 17.51
CA GLY C 119 19.10 -15.14 18.56
C GLY C 119 18.65 -13.75 18.94
N ALA C 120 17.74 -13.73 19.90
CA ALA C 120 17.19 -12.47 20.40
C ALA C 120 18.06 -11.96 21.54
N SER C 121 18.29 -10.65 21.56
CA SER C 121 19.16 -10.06 22.57
C SER C 121 18.74 -10.47 23.99
N GLN C 122 17.43 -10.53 24.24
CA GLN C 122 16.96 -10.88 25.58
C GLN C 122 17.27 -12.32 25.95
N ASP C 123 17.54 -13.19 24.96
CA ASP C 123 18.05 -14.51 25.27
C ASP C 123 19.58 -14.56 25.32
N LEU C 124 20.25 -13.77 24.49
CA LEU C 124 21.70 -13.90 24.35
C LEU C 124 22.46 -13.13 25.42
N ILE C 125 22.01 -11.92 25.75
CA ILE C 125 22.71 -11.06 26.70
C ILE C 125 22.95 -11.80 28.02
N PRO C 126 21.99 -12.54 28.57
CA PRO C 126 22.30 -13.31 29.80
C PRO C 126 23.30 -14.44 29.58
N GLN C 127 23.70 -14.73 28.34
CA GLN C 127 24.67 -15.77 28.09
C GLN C 127 26.06 -15.21 27.82
N LEU C 128 26.21 -13.89 27.76
CA LEU C 128 27.49 -13.30 27.40
C LEU C 128 28.56 -13.65 28.42
N LYS C 129 28.23 -13.60 29.70
CA LYS C 129 29.25 -13.78 30.74
C LYS C 129 29.81 -15.20 30.73
N LYS C 130 28.94 -16.21 30.69
CA LYS C 130 29.39 -17.59 30.86
C LYS C 130 29.56 -18.36 29.56
N LYS C 131 28.77 -18.08 28.52
CA LYS C 131 28.94 -18.83 27.28
C LYS C 131 29.94 -18.18 26.33
N TYR C 132 30.05 -16.86 26.33
CA TYR C 132 30.99 -16.16 25.46
C TYR C 132 32.10 -15.47 26.26
N ASP C 133 32.13 -15.70 27.58
CA ASP C 133 33.27 -15.37 28.42
C ASP C 133 33.55 -13.87 28.51
N VAL C 134 32.52 -13.04 28.28
CA VAL C 134 32.66 -11.60 28.34
C VAL C 134 32.73 -11.14 29.80
N ASP C 135 33.63 -10.21 30.08
CA ASP C 135 33.60 -9.53 31.38
C ASP C 135 32.67 -8.32 31.29
N THR C 136 33.18 -7.20 30.77
CA THR C 136 32.35 -6.03 30.51
C THR C 136 32.53 -5.57 29.07
N LEU C 137 31.53 -4.84 28.58
CA LEU C 137 31.54 -4.28 27.25
C LEU C 137 32.09 -2.85 27.24
N ASP C 138 32.79 -2.51 26.17
CA ASP C 138 33.31 -1.15 26.05
C ASP C 138 32.36 -0.24 25.35
N MET C 139 31.51 -0.80 24.51
CA MET C 139 30.59 -0.01 23.73
C MET C 139 29.43 -0.89 23.32
N VAL C 140 28.24 -0.29 23.25
CA VAL C 140 27.05 -0.96 22.76
C VAL C 140 26.43 -0.07 21.70
N PHE C 141 26.15 -0.64 20.54
CA PHE C 141 25.38 0.06 19.51
C PHE C 141 24.00 -0.57 19.49
N LEU C 142 22.99 0.20 19.89
CA LEU C 142 21.60 -0.24 19.91
C LEU C 142 20.92 0.24 18.64
N ASP C 143 20.44 -0.71 17.84
CA ASP C 143 19.78 -0.40 16.58
C ASP C 143 18.87 -1.55 16.18
N HIS C 144 18.22 -2.18 17.17
CA HIS C 144 17.27 -3.25 16.90
C HIS C 144 15.86 -2.68 17.07
N TRP C 145 14.90 -3.52 17.49
CA TRP C 145 13.55 -2.98 17.63
C TRP C 145 13.52 -1.94 18.73
N LYS C 146 12.85 -0.81 18.46
CA LYS C 146 12.98 0.34 19.33
C LYS C 146 12.38 0.09 20.71
N ASP C 147 11.43 -0.84 20.83
CA ASP C 147 10.89 -1.14 22.15
C ASP C 147 11.84 -1.95 23.00
N ARG C 148 12.98 -2.40 22.43
CA ARG C 148 13.91 -3.20 23.20
C ARG C 148 15.12 -2.40 23.68
N TYR C 149 15.31 -1.16 23.24
CA TYR C 149 16.47 -0.42 23.72
C TYR C 149 16.49 -0.35 25.25
N LEU C 150 15.36 0.04 25.84
CA LEU C 150 15.34 0.25 27.29
C LEU C 150 15.50 -1.06 28.05
N PRO C 151 14.68 -2.09 27.83
CA PRO C 151 14.87 -3.32 28.60
C PRO C 151 16.23 -3.97 28.37
N ASP C 152 16.80 -3.85 27.18
CA ASP C 152 18.13 -4.44 26.95
C ASP C 152 19.21 -3.65 27.69
N THR C 153 19.08 -2.32 27.74
CA THR C 153 19.99 -1.54 28.56
C THR C 153 19.92 -1.98 30.01
N LEU C 154 18.68 -2.12 30.53
CA LEU C 154 18.49 -2.58 31.90
C LEU C 154 19.06 -3.97 32.11
N LEU C 155 18.86 -4.85 31.13
CA LEU C 155 19.36 -6.21 31.25
C LEU C 155 20.88 -6.24 31.20
N LEU C 156 21.48 -5.43 30.32
CA LEU C 156 22.93 -5.28 30.31
C LEU C 156 23.43 -4.83 31.68
N GLU C 157 22.71 -3.92 32.34
CA GLU C 157 23.09 -3.49 33.67
C GLU C 157 22.92 -4.62 34.70
N LYS C 158 21.78 -5.33 34.67
CA LYS C 158 21.56 -6.36 35.70
C LYS C 158 22.53 -7.52 35.56
N CYS C 159 23.04 -7.76 34.35
CA CYS C 159 23.95 -8.87 34.12
C CYS C 159 25.39 -8.49 34.40
N GLY C 160 25.64 -7.25 34.82
CA GLY C 160 26.98 -6.82 35.14
C GLY C 160 27.89 -6.69 33.93
N LEU C 161 27.31 -6.40 32.76
CA LEU C 161 28.07 -6.26 31.52
C LEU C 161 28.53 -4.84 31.24
N LEU C 162 28.08 -3.85 32.01
CA LEU C 162 28.52 -2.48 31.84
C LEU C 162 29.51 -2.12 32.93
N ARG C 163 30.46 -1.25 32.59
CA ARG C 163 31.41 -0.69 33.55
C ARG C 163 31.44 0.84 33.39
N LYS C 164 32.10 1.52 34.34
CA LYS C 164 32.18 2.98 34.26
C LYS C 164 32.89 3.35 32.97
N GLY C 165 32.23 4.15 32.14
CA GLY C 165 32.81 4.49 30.86
C GLY C 165 32.35 3.65 29.68
N THR C 166 31.48 2.67 29.89
CA THR C 166 30.91 1.98 28.74
C THR C 166 30.08 2.97 27.95
N VAL C 167 30.25 2.98 26.63
CA VAL C 167 29.54 3.90 25.76
C VAL C 167 28.36 3.17 25.14
N LEU C 168 27.14 3.65 25.39
CA LEU C 168 25.99 3.24 24.61
C LEU C 168 25.73 4.27 23.52
N LEU C 169 25.59 3.79 22.29
CA LEU C 169 25.22 4.63 21.14
C LEU C 169 23.96 4.06 20.54
N ALA C 170 22.90 4.86 20.51
CA ALA C 170 21.58 4.38 20.11
C ALA C 170 21.15 5.10 18.83
N ASP C 171 20.82 4.31 17.81
CA ASP C 171 20.27 4.89 16.59
C ASP C 171 18.80 5.21 16.78
N ASN C 172 18.30 6.11 15.95
CA ASN C 172 16.86 6.32 15.78
C ASN C 172 16.18 6.87 17.03
N VAL C 173 16.89 7.59 17.91
CA VAL C 173 16.21 7.97 19.14
C VAL C 173 15.14 9.01 18.87
N ILE C 174 15.14 9.66 17.70
CA ILE C 174 14.06 10.56 17.32
C ILE C 174 13.09 9.90 16.34
N VAL C 175 13.61 9.31 15.26
CA VAL C 175 12.79 8.68 14.22
C VAL C 175 13.38 7.32 13.89
N PRO C 176 12.61 6.23 13.99
CA PRO C 176 11.23 6.15 14.47
C PRO C 176 11.04 6.56 15.92
N GLY C 177 12.12 6.57 16.69
CA GLY C 177 12.06 7.07 18.05
C GLY C 177 12.16 5.99 19.11
N THR C 178 12.86 6.30 20.19
CA THR C 178 12.97 5.42 21.35
C THR C 178 12.67 6.23 22.61
N PRO C 179 11.44 6.74 22.74
CA PRO C 179 11.14 7.71 23.80
C PRO C 179 11.40 7.21 25.21
N ASP C 180 11.14 5.94 25.50
CA ASP C 180 11.34 5.45 26.86
C ASP C 180 12.83 5.27 27.18
N PHE C 181 13.61 4.79 26.22
CA PHE C 181 15.05 4.71 26.41
C PHE C 181 15.63 6.11 26.60
N LEU C 182 15.22 7.05 25.75
CA LEU C 182 15.70 8.42 25.83
C LEU C 182 15.41 9.04 27.19
N ALA C 183 14.17 8.92 27.65
CA ALA C 183 13.82 9.48 28.94
C ALA C 183 14.61 8.81 30.06
N TYR C 184 14.83 7.50 29.96
CA TYR C 184 15.55 6.79 31.03
C TYR C 184 16.99 7.28 31.16
N VAL C 185 17.77 7.24 30.06
CA VAL C 185 19.20 7.57 30.20
C VAL C 185 19.37 9.07 30.48
N ARG C 186 18.54 9.90 29.87
CA ARG C 186 18.63 11.34 30.12
C ARG C 186 18.24 11.71 31.53
N GLY C 187 17.48 10.85 32.22
CA GLY C 187 17.03 11.16 33.56
C GLY C 187 17.78 10.40 34.64
N SER C 188 18.65 9.46 34.23
CA SER C 188 19.39 8.62 35.16
C SER C 188 20.76 9.20 35.48
N SER C 189 21.08 9.29 36.76
CA SER C 189 22.42 9.71 37.12
C SER C 189 23.46 8.62 36.81
N SER C 190 23.04 7.46 36.30
CA SER C 190 23.99 6.43 35.85
C SER C 190 24.38 6.58 34.40
N PHE C 191 23.92 7.64 33.74
CA PHE C 191 24.32 7.89 32.36
C PHE C 191 24.64 9.35 32.18
N GLU C 192 25.67 9.65 31.41
CA GLU C 192 25.90 11.01 30.97
C GLU C 192 25.62 10.98 29.46
N CYS C 193 24.71 11.84 29.00
CA CYS C 193 24.24 11.71 27.64
C CYS C 193 24.57 12.90 26.75
N THR C 194 24.64 12.59 25.46
CA THR C 194 24.92 13.56 24.41
C THR C 194 24.05 13.18 23.23
N HIS C 195 23.40 14.18 22.63
CA HIS C 195 22.60 13.94 21.44
C HIS C 195 23.35 14.41 20.20
N TYR C 196 23.40 13.57 19.17
CA TYR C 196 24.01 13.93 17.89
C TYR C 196 22.89 13.99 16.85
N SER C 197 22.44 15.22 16.54
CA SER C 197 21.41 15.38 15.52
C SER C 197 21.97 15.08 14.13
N SER C 198 21.19 14.35 13.35
CA SER C 198 21.57 14.00 12.00
C SER C 198 20.32 13.80 11.15
N TYR C 199 20.36 12.89 10.20
CA TYR C 199 19.22 12.62 9.34
C TYR C 199 18.98 11.12 9.26
N LEU C 200 17.70 10.75 9.19
CA LEU C 200 17.33 9.38 8.88
C LEU C 200 18.04 8.92 7.62
N GLU C 201 18.55 7.69 7.65
CA GLU C 201 19.34 7.19 6.53
C GLU C 201 18.64 7.40 5.19
N TYR C 202 19.38 7.95 4.23
CA TYR C 202 18.96 8.09 2.83
C TYR C 202 17.81 9.06 2.64
N MET C 203 17.56 9.91 3.64
CA MET C 203 16.41 10.81 3.63
C MET C 203 16.81 12.13 4.26
N LYS C 204 15.90 13.10 4.14
CA LYS C 204 16.07 14.41 4.77
C LYS C 204 15.09 14.57 5.93
N VAL C 205 14.71 13.47 6.55
CA VAL C 205 14.01 13.48 7.83
C VAL C 205 15.03 13.61 8.95
N VAL C 206 14.77 14.52 9.89
CA VAL C 206 15.69 14.66 11.02
C VAL C 206 15.59 13.44 11.92
N ASP C 207 16.75 12.89 12.28
CA ASP C 207 16.88 11.85 13.28
C ASP C 207 18.12 12.15 14.10
N GLY C 208 18.45 11.27 15.04
CA GLY C 208 19.62 11.55 15.84
C GLY C 208 20.06 10.29 16.54
N LEU C 209 21.34 10.29 16.95
CA LEU C 209 21.86 9.27 17.84
C LEU C 209 22.02 9.83 19.24
N GLU C 210 21.85 8.97 20.23
CA GLU C 210 22.15 9.29 21.61
C GLU C 210 23.37 8.51 22.05
N LYS C 211 24.36 9.24 22.55
CA LYS C 211 25.49 8.65 23.26
C LYS C 211 25.17 8.70 24.75
N ALA C 212 25.18 7.54 25.39
CA ALA C 212 24.93 7.44 26.84
C ALA C 212 26.09 6.68 27.45
N ILE C 213 26.88 7.37 28.28
CA ILE C 213 28.05 6.79 28.93
C ILE C 213 27.68 6.37 30.34
N TYR C 214 27.82 5.08 30.62
CA TYR C 214 27.52 4.54 31.94
C TYR C 214 28.48 5.09 32.98
N GLN C 215 27.94 5.45 34.14
CA GLN C 215 28.70 6.07 35.22
C GLN C 215 28.83 5.17 36.44
N GLY C 216 28.36 3.92 36.36
CA GLY C 216 28.22 3.07 37.52
C GLY C 216 26.78 2.98 38.00
N PRO C 217 26.48 1.99 38.87
CA PRO C 217 25.11 1.72 39.40
C PRO C 217 24.42 2.86 40.15
N ASP D 5 14.48 -8.25 -11.24
CA ASP D 5 13.61 -8.75 -12.30
C ASP D 5 12.08 -8.55 -12.02
N THR D 6 11.28 -8.55 -13.07
CA THR D 6 9.86 -8.25 -12.97
C THR D 6 9.04 -9.50 -12.64
N LYS D 7 7.80 -9.25 -12.20
CA LYS D 7 6.86 -10.34 -11.98
C LYS D 7 6.69 -11.19 -13.23
N GLU D 8 6.64 -10.56 -14.39
CA GLU D 8 6.42 -11.32 -15.60
C GLU D 8 7.63 -12.20 -15.92
N GLN D 9 8.84 -11.76 -15.57
CA GLN D 9 9.98 -12.65 -15.77
C GLN D 9 9.94 -13.81 -14.78
N ARG D 10 9.38 -13.59 -13.58
CA ARG D 10 9.32 -14.69 -12.62
C ARG D 10 8.31 -15.75 -13.05
N ILE D 11 7.18 -15.33 -13.61
CA ILE D 11 6.23 -16.29 -14.18
C ILE D 11 6.90 -17.10 -15.28
N LEU D 12 7.60 -16.42 -16.19
CA LEU D 12 8.29 -17.11 -17.26
C LEU D 12 9.36 -18.04 -16.73
N ARG D 13 10.15 -17.60 -15.74
CA ARG D 13 11.19 -18.48 -15.21
C ARG D 13 10.55 -19.68 -14.52
N TYR D 14 9.41 -19.48 -13.88
CA TYR D 14 8.72 -20.59 -13.24
C TYR D 14 8.23 -21.59 -14.27
N VAL D 15 7.67 -21.12 -15.39
CA VAL D 15 7.30 -22.03 -16.47
C VAL D 15 8.52 -22.80 -16.97
N GLN D 16 9.62 -22.09 -17.19
CA GLN D 16 10.81 -22.75 -17.75
C GLN D 16 11.38 -23.82 -16.83
N GLN D 17 11.16 -23.69 -15.53
CA GLN D 17 11.72 -24.62 -14.57
C GLN D 17 10.75 -25.72 -14.15
N ASN D 18 9.47 -25.60 -14.48
CA ASN D 18 8.51 -26.56 -13.95
C ASN D 18 7.65 -27.19 -15.02
N ALA D 19 7.39 -26.46 -16.10
CA ALA D 19 6.51 -27.02 -17.12
C ALA D 19 7.29 -27.94 -18.06
N LYS D 20 6.55 -28.74 -18.81
CA LYS D 20 7.13 -29.65 -19.76
C LYS D 20 7.23 -28.95 -21.11
N PRO D 21 8.41 -28.84 -21.71
CA PRO D 21 8.54 -28.12 -22.98
C PRO D 21 7.66 -28.72 -24.08
N GLY D 22 7.01 -27.83 -24.83
CA GLY D 22 6.22 -28.29 -25.96
C GLY D 22 4.88 -28.85 -25.57
N ASP D 23 4.50 -28.71 -24.29
CA ASP D 23 3.24 -29.21 -23.73
C ASP D 23 2.43 -27.99 -23.25
N PRO D 24 1.56 -27.45 -24.10
CA PRO D 24 0.82 -26.24 -23.70
C PRO D 24 -0.01 -26.38 -22.41
N GLN D 25 -0.69 -27.51 -22.19
CA GLN D 25 -1.46 -27.65 -20.94
C GLN D 25 -0.56 -27.55 -19.73
N SER D 26 0.63 -28.13 -19.82
CA SER D 26 1.55 -28.02 -18.68
C SER D 26 2.03 -26.58 -18.48
N VAL D 27 2.11 -25.80 -19.56
CA VAL D 27 2.49 -24.40 -19.43
C VAL D 27 1.41 -23.64 -18.68
N LEU D 28 0.15 -23.87 -19.05
CA LEU D 28 -0.93 -23.17 -18.38
C LEU D 28 -1.08 -23.59 -16.93
N GLU D 29 -0.84 -24.86 -16.65
CA GLU D 29 -0.87 -25.32 -15.25
C GLU D 29 0.24 -24.66 -14.44
N ALA D 30 1.43 -24.52 -15.02
CA ALA D 30 2.51 -23.86 -14.30
C ALA D 30 2.16 -22.40 -14.01
N ILE D 31 1.72 -21.67 -15.03
CA ILE D 31 1.35 -20.26 -14.83
C ILE D 31 0.24 -20.14 -13.80
N ASP D 32 -0.80 -20.96 -13.92
CA ASP D 32 -1.93 -20.87 -12.98
C ASP D 32 -1.49 -21.24 -11.58
N THR D 33 -0.63 -22.26 -11.45
CA THR D 33 -0.15 -22.63 -10.14
C THR D 33 0.66 -21.51 -9.51
N TYR D 34 1.59 -20.94 -10.28
CA TYR D 34 2.47 -19.92 -9.71
C TYR D 34 1.68 -18.68 -9.30
N CYS D 35 0.65 -18.32 -10.05
CA CYS D 35 -0.09 -17.12 -9.78
C CYS D 35 -1.22 -17.32 -8.77
N THR D 36 -1.61 -18.55 -8.49
CA THR D 36 -2.48 -18.81 -7.34
C THR D 36 -1.70 -18.79 -6.04
N GLN D 37 -0.52 -19.36 -6.03
CA GLN D 37 0.22 -19.56 -4.80
C GLN D 37 1.25 -18.47 -4.51
N LYS D 38 1.81 -17.82 -5.53
CA LYS D 38 2.92 -16.90 -5.26
C LYS D 38 2.61 -15.45 -5.62
N GLU D 39 2.18 -15.16 -6.87
CA GLU D 39 1.93 -13.78 -7.32
C GLU D 39 0.71 -13.74 -8.24
N TRP D 40 -0.34 -13.07 -7.78
CA TRP D 40 -1.47 -12.80 -8.66
C TRP D 40 -1.00 -12.07 -9.92
N ALA D 41 -1.62 -12.41 -11.05
CA ALA D 41 -1.36 -11.70 -12.30
C ALA D 41 -2.60 -11.76 -13.19
N MET D 42 -2.70 -10.83 -14.12
CA MET D 42 -3.92 -10.67 -14.92
C MET D 42 -4.03 -11.63 -16.12
N ASN D 43 -3.55 -12.87 -16.02
CA ASN D 43 -3.91 -13.86 -17.03
C ASN D 43 -5.39 -14.17 -16.94
N VAL D 44 -5.97 -14.64 -18.05
CA VAL D 44 -7.40 -14.90 -18.02
C VAL D 44 -7.73 -16.04 -17.05
N GLY D 45 -6.78 -16.95 -16.82
CA GLY D 45 -6.89 -17.95 -15.77
C GLY D 45 -7.65 -19.20 -16.16
N ASP D 46 -7.66 -20.17 -15.23
CA ASP D 46 -8.21 -21.48 -15.56
C ASP D 46 -9.74 -21.46 -15.64
N ALA D 47 -10.39 -20.79 -14.68
CA ALA D 47 -11.86 -20.82 -14.66
C ALA D 47 -12.44 -20.18 -15.92
N LYS D 48 -12.02 -18.94 -16.22
CA LYS D 48 -12.50 -18.29 -17.44
C LYS D 48 -11.87 -18.90 -18.67
N GLY D 49 -10.66 -19.45 -18.53
CA GLY D 49 -10.02 -20.10 -19.65
C GLY D 49 -10.81 -21.27 -20.20
N GLN D 50 -11.53 -21.98 -19.34
CA GLN D 50 -12.31 -23.12 -19.82
C GLN D 50 -13.52 -22.67 -20.60
N ILE D 51 -14.09 -21.51 -20.26
CA ILE D 51 -15.12 -20.94 -21.13
C ILE D 51 -14.50 -20.56 -22.47
N MET D 52 -13.35 -19.91 -22.42
CA MET D 52 -12.61 -19.60 -23.62
C MET D 52 -12.39 -20.85 -24.45
N ASP D 53 -11.95 -21.94 -23.80
CA ASP D 53 -11.76 -23.21 -24.49
C ASP D 53 -13.02 -23.65 -25.18
N ALA D 54 -14.16 -23.57 -24.49
CA ALA D 54 -15.40 -24.04 -25.07
C ALA D 54 -15.78 -23.22 -26.29
N VAL D 55 -15.53 -21.91 -26.24
CA VAL D 55 -15.84 -21.04 -27.37
C VAL D 55 -15.00 -21.41 -28.58
N ILE D 56 -13.70 -21.60 -28.40
CA ILE D 56 -12.84 -22.00 -29.50
C ILE D 56 -13.32 -23.31 -30.11
N ARG D 57 -13.65 -24.30 -29.28
CA ARG D 57 -14.03 -25.61 -29.80
C ARG D 57 -15.38 -25.55 -30.53
N GLU D 58 -16.28 -24.65 -30.13
CA GLU D 58 -17.58 -24.57 -30.78
C GLU D 58 -17.46 -23.91 -32.16
N TYR D 59 -16.75 -22.80 -32.24
CA TYR D 59 -16.72 -21.99 -33.46
C TYR D 59 -15.58 -22.35 -34.38
N SER D 60 -14.69 -23.27 -33.95
CA SER D 60 -13.44 -23.67 -34.60
C SER D 60 -12.94 -22.59 -35.55
N PRO D 61 -12.51 -21.47 -35.02
CA PRO D 61 -12.11 -20.35 -35.88
C PRO D 61 -10.75 -20.58 -36.55
N SER D 62 -10.64 -20.07 -37.78
CA SER D 62 -9.41 -20.16 -38.54
C SER D 62 -8.49 -18.96 -38.39
N LEU D 63 -8.99 -17.81 -37.96
CA LEU D 63 -8.15 -16.63 -37.76
C LEU D 63 -8.67 -15.90 -36.55
N VAL D 64 -7.84 -15.81 -35.50
CA VAL D 64 -8.21 -15.18 -34.24
C VAL D 64 -7.29 -14.00 -34.01
N LEU D 65 -7.88 -12.88 -33.59
CA LEU D 65 -7.14 -11.70 -33.17
C LEU D 65 -7.32 -11.53 -31.66
N GLU D 66 -6.20 -11.44 -30.94
CA GLU D 66 -6.22 -11.19 -29.50
C GLU D 66 -5.68 -9.79 -29.24
N LEU D 67 -6.38 -9.01 -28.42
CA LEU D 67 -5.95 -7.67 -28.04
C LEU D 67 -5.46 -7.73 -26.59
N GLY D 68 -4.13 -7.67 -26.40
CA GLY D 68 -3.55 -7.79 -25.08
C GLY D 68 -2.97 -9.15 -24.85
N ALA D 69 -1.65 -9.28 -25.00
CA ALA D 69 -0.99 -10.57 -24.86
C ALA D 69 -0.41 -10.79 -23.47
N TYR D 70 0.15 -9.75 -22.86
CA TYR D 70 0.80 -9.84 -21.54
C TYR D 70 1.89 -10.90 -21.54
N CYS D 71 1.68 -12.03 -20.86
CA CYS D 71 2.67 -13.10 -20.77
C CYS D 71 2.39 -14.26 -21.71
N GLY D 72 1.34 -14.18 -22.53
CA GLY D 72 1.04 -15.21 -23.51
C GLY D 72 0.15 -16.32 -23.01
N TYR D 73 -0.40 -16.18 -21.81
CA TYR D 73 -1.24 -17.23 -21.25
C TYR D 73 -2.43 -17.52 -22.14
N SER D 74 -3.20 -16.49 -22.51
CA SER D 74 -4.36 -16.77 -23.34
C SER D 74 -3.96 -17.14 -24.76
N ALA D 75 -2.83 -16.63 -25.23
CA ALA D 75 -2.38 -17.05 -26.55
C ALA D 75 -2.09 -18.54 -26.56
N VAL D 76 -1.35 -19.01 -25.56
CA VAL D 76 -1.12 -20.45 -25.42
C VAL D 76 -2.43 -21.19 -25.30
N ARG D 77 -3.35 -20.65 -24.50
CA ARG D 77 -4.59 -21.37 -24.26
C ARG D 77 -5.40 -21.51 -25.55
N MET D 78 -5.46 -20.44 -26.36
CA MET D 78 -6.20 -20.52 -27.61
C MET D 78 -5.43 -21.26 -28.70
N ALA D 79 -4.13 -21.00 -28.83
CA ALA D 79 -3.40 -21.58 -29.95
C ALA D 79 -3.37 -23.11 -29.88
N ARG D 80 -3.37 -23.66 -28.66
CA ARG D 80 -3.34 -25.11 -28.47
C ARG D 80 -4.62 -25.78 -28.96
N LEU D 81 -5.70 -25.03 -29.17
CA LEU D 81 -6.97 -25.60 -29.57
C LEU D 81 -7.36 -25.27 -31.02
N LEU D 82 -6.57 -24.46 -31.72
CA LEU D 82 -6.87 -24.18 -33.10
C LEU D 82 -6.62 -25.42 -33.95
N GLN D 83 -7.42 -25.59 -34.99
CA GLN D 83 -7.26 -26.73 -35.88
C GLN D 83 -6.03 -26.52 -36.76
N PRO D 84 -5.49 -27.57 -37.38
CA PRO D 84 -4.29 -27.40 -38.22
C PRO D 84 -4.52 -26.37 -39.31
N GLY D 85 -3.57 -25.45 -39.45
CA GLY D 85 -3.64 -24.35 -40.42
C GLY D 85 -4.21 -23.05 -39.90
N ALA D 86 -4.95 -23.08 -38.79
CA ALA D 86 -5.50 -21.87 -38.21
C ALA D 86 -4.42 -21.06 -37.48
N ARG D 87 -4.65 -19.74 -37.38
CA ARG D 87 -3.61 -18.84 -36.88
C ARG D 87 -4.22 -17.83 -35.92
N LEU D 88 -3.39 -17.42 -34.95
CA LEU D 88 -3.73 -16.39 -33.98
C LEU D 88 -2.76 -15.22 -34.15
N LEU D 89 -3.31 -14.01 -34.26
CA LEU D 89 -2.57 -12.76 -34.18
C LEU D 89 -2.86 -12.13 -32.83
N THR D 90 -1.82 -11.73 -32.09
CA THR D 90 -2.04 -11.05 -30.82
C THR D 90 -1.28 -9.73 -30.78
N MET D 91 -1.99 -8.66 -30.41
CA MET D 91 -1.42 -7.32 -30.35
C MET D 91 -1.01 -7.00 -28.93
N GLU D 92 0.22 -6.51 -28.75
CA GLU D 92 0.76 -6.19 -27.45
C GLU D 92 1.61 -4.93 -27.60
N MET D 93 1.24 -3.87 -26.88
CA MET D 93 1.95 -2.61 -27.01
C MET D 93 3.17 -2.51 -26.12
N ASN D 94 3.26 -3.37 -25.10
CA ASN D 94 4.38 -3.36 -24.17
C ASN D 94 5.46 -4.31 -24.69
N PRO D 95 6.60 -3.81 -25.17
CA PRO D 95 7.64 -4.70 -25.73
C PRO D 95 8.25 -5.68 -24.73
N ASP D 96 8.27 -5.35 -23.43
CA ASP D 96 8.76 -6.33 -22.47
C ASP D 96 7.79 -7.51 -22.37
N TYR D 97 6.49 -7.23 -22.31
CA TYR D 97 5.52 -8.30 -22.30
C TYR D 97 5.54 -9.07 -23.61
N ALA D 98 5.68 -8.38 -24.75
CA ALA D 98 5.67 -9.11 -26.00
C ALA D 98 6.81 -10.10 -26.07
N ALA D 99 7.98 -9.69 -25.54
CA ALA D 99 9.14 -10.58 -25.53
C ALA D 99 8.88 -11.80 -24.65
N ILE D 100 8.28 -11.59 -23.48
CA ILE D 100 7.91 -12.73 -22.65
C ILE D 100 6.89 -13.61 -23.37
N THR D 101 5.88 -13.00 -23.99
CA THR D 101 4.90 -13.80 -24.71
C THR D 101 5.59 -14.65 -25.77
N GLN D 102 6.56 -14.08 -26.48
CA GLN D 102 7.29 -14.88 -27.45
C GLN D 102 8.01 -16.04 -26.79
N GLN D 103 8.59 -15.82 -25.62
CA GLN D 103 9.33 -16.89 -24.99
C GLN D 103 8.39 -17.97 -24.46
N MET D 104 7.23 -17.54 -24.00
CA MET D 104 6.19 -18.47 -23.58
C MET D 104 5.66 -19.33 -24.73
N LEU D 105 5.36 -18.69 -25.87
CA LEU D 105 4.87 -19.44 -27.04
C LEU D 105 5.91 -20.41 -27.56
N ASN D 106 7.18 -19.96 -27.62
CA ASN D 106 8.26 -20.87 -28.01
C ASN D 106 8.29 -22.08 -27.09
N PHE D 107 8.19 -21.82 -25.78
CA PHE D 107 8.27 -22.93 -24.83
C PHE D 107 7.11 -23.89 -25.03
N ALA D 108 5.90 -23.36 -25.19
CA ALA D 108 4.74 -24.20 -25.42
C ALA D 108 4.79 -24.95 -26.75
N GLY D 109 5.70 -24.57 -27.66
CA GLY D 109 5.77 -25.15 -28.98
C GLY D 109 4.75 -24.63 -29.96
N LEU D 110 4.14 -23.47 -29.68
CA LEU D 110 3.08 -22.88 -30.50
C LEU D 110 3.53 -21.66 -31.31
N GLN D 111 4.84 -21.38 -31.42
CA GLN D 111 5.29 -20.16 -32.09
C GLN D 111 4.84 -20.08 -33.55
N ASP D 112 4.69 -21.22 -34.24
CA ASP D 112 4.32 -21.13 -35.65
C ASP D 112 2.81 -20.94 -35.85
N LYS D 113 2.01 -20.93 -34.77
CA LYS D 113 0.58 -20.72 -34.87
C LYS D 113 0.16 -19.33 -34.42
N VAL D 114 1.05 -18.56 -33.80
CA VAL D 114 0.73 -17.25 -33.25
C VAL D 114 1.74 -16.25 -33.77
N THR D 115 1.25 -15.05 -34.10
CA THR D 115 2.12 -13.94 -34.50
C THR D 115 1.87 -12.79 -33.53
N ILE D 116 2.95 -12.33 -32.89
CA ILE D 116 2.89 -11.16 -32.03
C ILE D 116 3.04 -9.90 -32.88
N LEU D 117 2.08 -9.00 -32.77
CA LEU D 117 2.15 -7.69 -33.41
C LEU D 117 2.51 -6.64 -32.35
N ASN D 118 3.62 -5.94 -32.56
CA ASN D 118 4.12 -4.98 -31.59
C ASN D 118 3.51 -3.60 -31.83
N GLY D 119 2.73 -3.12 -30.87
CA GLY D 119 2.15 -1.80 -30.98
C GLY D 119 0.80 -1.76 -30.31
N ALA D 120 0.18 -0.59 -30.39
CA ALA D 120 -1.14 -0.39 -29.83
C ALA D 120 -2.21 -0.77 -30.86
N SER D 121 -3.26 -1.43 -30.38
CA SER D 121 -4.30 -1.91 -31.27
C SER D 121 -4.84 -0.81 -32.20
N GLN D 122 -4.97 0.42 -31.69
CA GLN D 122 -5.52 1.50 -32.51
C GLN D 122 -4.61 1.89 -33.67
N ASP D 123 -3.32 1.58 -33.59
CA ASP D 123 -2.42 1.75 -34.72
C ASP D 123 -2.36 0.50 -35.59
N LEU D 124 -2.49 -0.68 -34.99
CA LEU D 124 -2.30 -1.93 -35.71
C LEU D 124 -3.55 -2.35 -36.47
N ILE D 125 -4.72 -2.19 -35.84
CA ILE D 125 -5.96 -2.62 -36.48
C ILE D 125 -6.15 -2.00 -37.87
N PRO D 126 -5.95 -0.69 -38.07
CA PRO D 126 -6.09 -0.12 -39.43
C PRO D 126 -5.06 -0.65 -40.43
N GLN D 127 -4.08 -1.43 -39.97
CA GLN D 127 -3.06 -1.99 -40.83
C GLN D 127 -3.28 -3.46 -41.15
N LEU D 128 -4.29 -4.10 -40.55
CA LEU D 128 -4.42 -5.54 -40.67
C LEU D 128 -4.67 -5.97 -42.11
N LYS D 129 -5.53 -5.26 -42.84
CA LYS D 129 -5.89 -5.71 -44.17
C LYS D 129 -4.74 -5.57 -45.18
N LYS D 130 -4.00 -4.47 -45.15
CA LYS D 130 -3.00 -4.28 -46.19
C LYS D 130 -1.58 -4.67 -45.77
N LYS D 131 -1.23 -4.56 -44.49
CA LYS D 131 0.12 -4.95 -44.09
C LYS D 131 0.20 -6.39 -43.61
N TYR D 132 -0.84 -6.92 -42.98
CA TYR D 132 -0.79 -8.27 -42.40
C TYR D 132 -1.71 -9.22 -43.13
N ASP D 133 -2.30 -8.76 -44.24
CA ASP D 133 -2.88 -9.62 -45.26
C ASP D 133 -4.23 -10.20 -44.86
N VAL D 134 -4.89 -9.63 -43.84
CA VAL D 134 -6.15 -10.15 -43.31
C VAL D 134 -7.33 -9.80 -44.20
N ASP D 135 -8.23 -10.77 -44.40
CA ASP D 135 -9.55 -10.48 -44.97
C ASP D 135 -10.53 -10.11 -43.86
N THR D 136 -11.10 -11.11 -43.19
CA THR D 136 -11.94 -10.89 -42.03
C THR D 136 -11.46 -11.80 -40.91
N LEU D 137 -11.76 -11.43 -39.68
CA LEU D 137 -11.43 -12.24 -38.52
C LEU D 137 -12.58 -13.18 -38.17
N ASP D 138 -12.25 -14.37 -37.69
CA ASP D 138 -13.30 -15.29 -37.26
C ASP D 138 -13.66 -15.12 -35.80
N MET D 139 -12.70 -14.62 -35.02
CA MET D 139 -12.90 -14.48 -33.59
C MET D 139 -11.96 -13.40 -33.07
N VAL D 140 -12.43 -12.64 -32.09
CA VAL D 140 -11.62 -11.61 -31.43
C VAL D 140 -11.71 -11.82 -29.93
N PHE D 141 -10.55 -11.88 -29.28
CA PHE D 141 -10.49 -11.94 -27.83
C PHE D 141 -10.00 -10.58 -27.35
N LEU D 142 -10.86 -9.84 -26.65
CA LEU D 142 -10.55 -8.52 -26.11
C LEU D 142 -10.14 -8.68 -24.65
N ASP D 143 -8.91 -8.28 -24.33
CA ASP D 143 -8.43 -8.41 -22.96
C ASP D 143 -7.31 -7.42 -22.68
N HIS D 144 -7.40 -6.22 -23.25
CA HIS D 144 -6.42 -5.17 -23.00
C HIS D 144 -7.04 -4.13 -22.05
N TRP D 145 -6.65 -2.87 -22.17
CA TRP D 145 -7.21 -1.87 -21.24
C TRP D 145 -8.71 -1.69 -21.46
N LYS D 146 -9.45 -1.65 -20.34
CA LYS D 146 -10.90 -1.79 -20.43
C LYS D 146 -11.57 -0.64 -21.15
N ASP D 147 -10.95 0.55 -21.16
CA ASP D 147 -11.52 1.67 -21.90
C ASP D 147 -11.36 1.50 -23.39
N ARG D 148 -10.66 0.48 -23.84
CA ARG D 148 -10.37 0.32 -25.26
C ARG D 148 -11.23 -0.74 -25.95
N TYR D 149 -11.98 -1.55 -25.21
CA TYR D 149 -12.83 -2.56 -25.85
C TYR D 149 -13.78 -1.92 -26.86
N LEU D 150 -14.52 -0.90 -26.44
CA LEU D 150 -15.53 -0.33 -27.34
C LEU D 150 -14.91 0.38 -28.53
N PRO D 151 -13.97 1.31 -28.37
CA PRO D 151 -13.42 1.97 -29.56
C PRO D 151 -12.74 1.01 -30.52
N ASP D 152 -12.15 -0.08 -30.00
CA ASP D 152 -11.54 -1.06 -30.90
C ASP D 152 -12.60 -1.88 -31.63
N THR D 153 -13.69 -2.23 -30.96
CA THR D 153 -14.79 -2.91 -31.64
C THR D 153 -15.33 -2.08 -32.79
N LEU D 154 -15.59 -0.78 -32.54
CA LEU D 154 -16.04 0.10 -33.61
C LEU D 154 -14.99 0.18 -34.72
N LEU D 155 -13.71 0.22 -34.34
CA LEU D 155 -12.63 0.29 -35.31
C LEU D 155 -12.56 -0.98 -36.15
N LEU D 156 -12.71 -2.15 -35.52
CA LEU D 156 -12.79 -3.38 -36.28
C LEU D 156 -13.94 -3.34 -37.27
N GLU D 157 -15.10 -2.83 -36.83
CA GLU D 157 -16.26 -2.74 -37.71
C GLU D 157 -16.00 -1.77 -38.84
N LYS D 158 -15.43 -0.60 -38.54
CA LYS D 158 -15.23 0.42 -39.56
C LYS D 158 -14.17 0.00 -40.59
N CYS D 159 -13.25 -0.87 -40.20
CA CYS D 159 -12.19 -1.31 -41.10
C CYS D 159 -12.62 -2.52 -41.92
N GLY D 160 -13.86 -2.97 -41.79
CA GLY D 160 -14.34 -4.11 -42.54
C GLY D 160 -13.72 -5.44 -42.13
N LEU D 161 -13.30 -5.56 -40.87
CA LEU D 161 -12.65 -6.78 -40.41
C LEU D 161 -13.62 -7.79 -39.81
N LEU D 162 -14.88 -7.43 -39.59
CA LEU D 162 -15.86 -8.36 -39.06
C LEU D 162 -16.78 -8.83 -40.18
N ARG D 163 -17.24 -10.07 -40.06
CA ARG D 163 -18.25 -10.63 -40.96
C ARG D 163 -19.37 -11.27 -40.13
N LYS D 164 -20.44 -11.68 -40.82
CA LYS D 164 -21.55 -12.33 -40.16
C LYS D 164 -21.07 -13.61 -39.51
N GLY D 165 -21.26 -13.71 -38.19
CA GLY D 165 -20.78 -14.84 -37.42
C GLY D 165 -19.45 -14.66 -36.74
N THR D 166 -18.77 -13.52 -36.92
CA THR D 166 -17.53 -13.30 -36.17
C THR D 166 -17.83 -13.25 -34.69
N VAL D 167 -17.02 -13.93 -33.90
CA VAL D 167 -17.24 -14.04 -32.46
C VAL D 167 -16.31 -13.07 -31.75
N LEU D 168 -16.88 -12.12 -31.02
CA LEU D 168 -16.11 -11.33 -30.07
C LEU D 168 -16.24 -11.94 -28.68
N LEU D 169 -15.10 -12.17 -28.03
CA LEU D 169 -15.06 -12.70 -26.67
C LEU D 169 -14.31 -11.67 -25.83
N ALA D 170 -14.99 -11.13 -24.83
CA ALA D 170 -14.48 -10.02 -24.04
C ALA D 170 -14.24 -10.48 -22.61
N ASP D 171 -13.02 -10.32 -22.14
CA ASP D 171 -12.73 -10.60 -20.74
C ASP D 171 -13.09 -9.40 -19.87
N ASN D 172 -13.35 -9.69 -18.58
CA ASN D 172 -13.42 -8.68 -17.54
C ASN D 172 -14.62 -7.73 -17.71
N VAL D 173 -15.70 -8.20 -18.33
CA VAL D 173 -16.80 -7.28 -18.60
C VAL D 173 -17.54 -6.88 -17.31
N ILE D 174 -17.37 -7.63 -16.23
CA ILE D 174 -17.91 -7.25 -14.93
C ILE D 174 -16.84 -6.64 -14.04
N VAL D 175 -15.69 -7.33 -13.88
CA VAL D 175 -14.62 -6.89 -13.01
C VAL D 175 -13.29 -7.03 -13.74
N PRO D 176 -12.49 -5.97 -13.90
CA PRO D 176 -12.72 -4.57 -13.48
C PRO D 176 -13.94 -3.92 -14.16
N GLY D 177 -14.40 -4.49 -15.26
CA GLY D 177 -15.61 -4.02 -15.91
C GLY D 177 -15.33 -3.26 -17.20
N THR D 178 -16.22 -3.46 -18.18
CA THR D 178 -16.18 -2.75 -19.46
C THR D 178 -17.57 -2.21 -19.76
N PRO D 179 -18.07 -1.30 -18.92
CA PRO D 179 -19.50 -0.94 -18.99
C PRO D 179 -19.92 -0.36 -20.34
N ASP D 180 -19.07 0.44 -20.99
CA ASP D 180 -19.50 1.02 -22.26
C ASP D 180 -19.53 -0.01 -23.38
N PHE D 181 -18.53 -0.92 -23.42
CA PHE D 181 -18.55 -2.00 -24.40
C PHE D 181 -19.77 -2.90 -24.20
N LEU D 182 -20.02 -3.27 -22.95
CA LEU D 182 -21.16 -4.13 -22.64
C LEU D 182 -22.46 -3.46 -23.09
N ALA D 183 -22.63 -2.17 -22.76
CA ALA D 183 -23.86 -1.47 -23.11
C ALA D 183 -24.01 -1.40 -24.62
N TYR D 184 -22.91 -1.20 -25.34
CA TYR D 184 -22.96 -1.09 -26.79
C TYR D 184 -23.39 -2.41 -27.44
N VAL D 185 -22.68 -3.50 -27.13
CA VAL D 185 -22.98 -4.75 -27.85
C VAL D 185 -24.31 -5.34 -27.41
N ARG D 186 -24.68 -5.18 -26.14
CA ARG D 186 -25.96 -5.70 -25.69
C ARG D 186 -27.14 -4.92 -26.25
N GLY D 187 -26.90 -3.67 -26.65
CA GLY D 187 -27.97 -2.85 -27.18
C GLY D 187 -27.99 -2.75 -28.68
N SER D 188 -26.99 -3.33 -29.35
CA SER D 188 -26.82 -3.20 -30.79
C SER D 188 -27.43 -4.38 -31.54
N SER D 189 -28.24 -4.08 -32.55
CA SER D 189 -28.75 -5.16 -33.38
C SER D 189 -27.66 -5.80 -34.26
N SER D 190 -26.44 -5.26 -34.24
CA SER D 190 -25.31 -5.87 -34.94
C SER D 190 -24.57 -6.89 -34.09
N PHE D 191 -25.04 -7.18 -32.88
CA PHE D 191 -24.46 -8.25 -32.08
C PHE D 191 -25.55 -9.05 -31.40
N GLU D 192 -25.36 -10.36 -31.32
CA GLU D 192 -26.15 -11.25 -30.46
C GLU D 192 -25.22 -11.67 -29.31
N CYS D 193 -25.64 -11.41 -28.07
CA CYS D 193 -24.74 -11.53 -26.95
C CYS D 193 -25.15 -12.64 -26.00
N THR D 194 -24.14 -13.16 -25.30
CA THR D 194 -24.32 -14.19 -24.28
C THR D 194 -23.30 -13.90 -23.18
N HIS D 195 -23.76 -13.92 -21.95
CA HIS D 195 -22.87 -13.68 -20.82
C HIS D 195 -22.52 -15.01 -20.15
N TYR D 196 -21.22 -15.21 -19.90
CA TYR D 196 -20.74 -16.41 -19.21
C TYR D 196 -20.18 -15.95 -17.86
N SER D 197 -20.98 -16.14 -16.80
CA SER D 197 -20.51 -15.79 -15.47
C SER D 197 -19.45 -16.77 -15.00
N SER D 198 -18.41 -16.24 -14.39
CA SER D 198 -17.33 -17.07 -13.87
C SER D 198 -16.66 -16.35 -12.70
N TYR D 199 -15.34 -16.48 -12.58
CA TYR D 199 -14.61 -15.87 -11.49
C TYR D 199 -13.42 -15.13 -12.05
N LEU D 200 -13.10 -13.99 -11.44
CA LEU D 200 -11.82 -13.34 -11.67
C LEU D 200 -10.68 -14.32 -11.46
N GLU D 201 -9.68 -14.24 -12.34
CA GLU D 201 -8.56 -15.18 -12.29
C GLU D 201 -7.99 -15.28 -10.88
N TYR D 202 -7.83 -16.51 -10.41
CA TYR D 202 -7.14 -16.81 -9.16
C TYR D 202 -7.87 -16.31 -7.92
N MET D 203 -9.15 -15.97 -8.05
CA MET D 203 -9.89 -15.39 -6.96
C MET D 203 -11.32 -15.90 -6.99
N LYS D 204 -12.06 -15.62 -5.92
CA LYS D 204 -13.47 -15.95 -5.94
C LYS D 204 -14.32 -14.69 -6.02
N VAL D 205 -13.78 -13.67 -6.68
CA VAL D 205 -14.54 -12.52 -7.14
C VAL D 205 -15.31 -12.88 -8.40
N VAL D 206 -16.59 -12.52 -8.46
CA VAL D 206 -17.36 -12.85 -9.66
C VAL D 206 -16.94 -11.95 -10.80
N ASP D 207 -16.67 -12.55 -11.96
CA ASP D 207 -16.45 -11.82 -13.20
C ASP D 207 -17.06 -12.66 -14.32
N GLY D 208 -16.97 -12.18 -15.55
CA GLY D 208 -17.56 -12.91 -16.66
C GLY D 208 -16.98 -12.51 -18.00
N LEU D 209 -17.16 -13.39 -18.96
CA LEU D 209 -16.86 -13.09 -20.35
C LEU D 209 -18.17 -12.82 -21.06
N GLU D 210 -18.12 -11.91 -22.04
CA GLU D 210 -19.23 -11.69 -22.96
C GLU D 210 -18.86 -12.23 -24.33
N LYS D 211 -19.71 -13.09 -24.87
CA LYS D 211 -19.64 -13.49 -26.26
C LYS D 211 -20.60 -12.60 -27.07
N ALA D 212 -20.05 -11.88 -28.05
CA ALA D 212 -20.87 -11.03 -28.92
C ALA D 212 -20.57 -11.43 -30.35
N ILE D 213 -21.57 -11.99 -31.02
CA ILE D 213 -21.45 -12.47 -32.39
C ILE D 213 -21.94 -11.37 -33.32
N TYR D 214 -21.06 -10.93 -34.21
CA TYR D 214 -21.40 -9.89 -35.17
C TYR D 214 -22.44 -10.40 -36.17
N GLN D 215 -23.44 -9.56 -36.44
CA GLN D 215 -24.57 -9.94 -37.28
C GLN D 215 -24.63 -9.20 -38.62
N GLY D 216 -23.59 -8.44 -38.97
CA GLY D 216 -23.65 -7.54 -40.11
C GLY D 216 -23.84 -6.10 -39.67
N PRO D 217 -23.57 -5.15 -40.59
CA PRO D 217 -23.61 -3.70 -40.30
C PRO D 217 -24.94 -3.18 -39.73
#